data_1T9A
#
_entry.id   1T9A
#
_cell.length_a   154.586
_cell.length_b   154.586
_cell.length_c   178.799
_cell.angle_alpha   90.00
_cell.angle_beta   90.00
_cell.angle_gamma   90.00
#
_symmetry.space_group_name_H-M   'P 4 2 2'
#
loop_
_entity.id
_entity.type
_entity.pdbx_description
1 polymer 'Acetolactate synthase, mitochondrial'
2 non-polymer 'POTASSIUM ION'
3 non-polymer 'MAGNESIUM ION'
4 non-polymer 'METHYL 2-[4-METHOXY-6-METHYL-1,3,5-TRAZIN-2-YL(METHYL)CARBAMOYLSULFAMOYL]BENZOATE'
5 non-polymer 2-{[(4-AMINO-2-METHYLPYRIMIDIN-5-YL)METHYL]AMINO}PROPANE-1-THIOL
6 non-polymer 'FLAVIN-ADENINE DINUCLEOTIDE'
7 non-polymer 'PROPYL TRIHYDROGEN DIPHOSPHATE'
8 non-polymer 5-{[ETHYL(METHYL)AMINO]METHYL}-2-METHYL-5,6-DIHYDROPYRIMIDIN-4-AMINE
9 water water
#
_entity_poly.entity_id   1
_entity_poly.type   'polypeptide(L)'
_entity_poly.pdbx_seq_one_letter_code
;MHHHHHHSSGLVPRGSGMKETAAAKFERQHMDSPDLGTDDDDKAMGSAPSFNVDPLEQPAEPSKLAKKLRAEPDMDTSFV
GLTGGQIFNEMMSRQNVDTVFGYPGGAILPVYDAIHNSDKFNFVLPKHEQGAGHMAEGYARASGKPGVVLVTSGPGATNV
VTPMADAFADGIPMVVFTGQVPTSAIGTDAFQEADVVGISRSCTKWNVMVKSVEELPLRINEAFEIATSGRPGPVLVDLP
KDVTAAILRNPIPTKTTLPSNALNQLTSRAQDEFVMQSINKAADLINLAKKPVLYVGAGILNHADGPRLLKELSDRAQIP
VTTTLQGLGSFDQEDPKSLDMLGMHGCATANLAVQNADLIIAVGARFDDRVTGNISKFAPEARRAAAEGRGGIIHFEVSP
KNINKVVQTQIAVEGDATTNLGKMMSKIFPVKERSEWFAQINKWKKEYPYAYMEETPGSKIKPQTVIKKLSKVANDTGRH
VIVTTGVGQHQMWAAQHWTWRNPHTFITSGGLGTMGYGLPAAIGAQVAKPESLVIDIDGDASFNMTLTELSSAVQAGTPV
KILILNNEEQGMVTQWQSLFYEHRYSHTHQLNPDFIKLAEAMGLKGLRVKKQEELDAKLKEFVSTKGPVLLEVEVDKKVP
VLPMVAGGSGLDEFINFDPEVERQQTELRHKRTGGKH
;
_entity_poly.pdbx_strand_id   A,B
#
loop_
_chem_comp.id
_chem_comp.type
_chem_comp.name
_chem_comp.formula
1TB non-polymer 'METHYL 2-[4-METHOXY-6-METHYL-1,3,5-TRAZIN-2-YL(METHYL)CARBAMOYLSULFAMOYL]BENZOATE' 'C15 H17 N5 O6 S'
FAD non-polymer 'FLAVIN-ADENINE DINUCLEOTIDE' 'C27 H33 N9 O15 P2'
K non-polymer 'POTASSIUM ION' 'K 1'
MG non-polymer 'MAGNESIUM ION' 'Mg 2'
P23 non-polymer 'PROPYL TRIHYDROGEN DIPHOSPHATE' 'C3 H10 O7 P2'
YF3 non-polymer 2-{[(4-AMINO-2-METHYLPYRIMIDIN-5-YL)METHYL]AMINO}PROPANE-1-THIOL 'C9 H16 N4 S'
YF4 non-polymer 5-{[ETHYL(METHYL)AMINO]METHYL}-2-METHYL-5,6-DIHYDROPYRIMIDIN-4-AMINE 'C9 H16 N4'
#
# COMPACT_ATOMS: atom_id res chain seq x y z
N ASP A 74 -38.78 8.73 18.02
CA ASP A 74 -38.46 10.18 18.24
C ASP A 74 -37.63 10.73 17.07
N MET A 75 -37.57 12.07 16.97
CA MET A 75 -36.80 12.71 15.91
C MET A 75 -35.81 13.69 16.50
N ASP A 76 -34.67 13.81 15.83
CA ASP A 76 -33.63 14.72 16.27
C ASP A 76 -33.42 15.81 15.23
N THR A 77 -33.44 17.07 15.68
CA THR A 77 -33.27 18.20 14.78
C THR A 77 -31.97 18.94 15.03
N SER A 78 -31.23 18.52 16.05
CA SER A 78 -29.97 19.17 16.41
C SER A 78 -28.86 19.23 15.36
N PHE A 79 -28.95 18.40 14.31
CA PHE A 79 -27.93 18.42 13.26
C PHE A 79 -28.40 19.18 12.02
N VAL A 80 -29.69 19.47 11.96
CA VAL A 80 -30.24 20.19 10.83
C VAL A 80 -29.51 21.52 10.67
N GLY A 81 -28.92 21.74 9.51
CA GLY A 81 -28.18 22.97 9.27
C GLY A 81 -26.69 22.75 9.15
N LEU A 82 -26.20 21.65 9.72
CA LEU A 82 -24.77 21.32 9.66
C LEU A 82 -24.45 20.58 8.38
N THR A 83 -23.16 20.54 8.03
CA THR A 83 -22.73 19.84 6.84
C THR A 83 -22.39 18.42 7.26
N GLY A 84 -22.14 17.54 6.29
CA GLY A 84 -21.79 16.18 6.63
C GLY A 84 -20.51 16.20 7.43
N GLY A 85 -19.55 17.01 6.98
CA GLY A 85 -18.27 17.10 7.66
C GLY A 85 -18.42 17.53 9.10
N GLN A 86 -19.26 18.52 9.35
CA GLN A 86 -19.45 19.01 10.72
C GLN A 86 -20.13 17.92 11.55
N ILE A 87 -21.03 17.17 10.93
CA ILE A 87 -21.72 16.09 11.63
C ILE A 87 -20.65 15.03 11.97
N PHE A 88 -19.77 14.74 11.02
CA PHE A 88 -18.69 13.79 11.25
C PHE A 88 -17.91 14.24 12.48
N ASN A 89 -17.53 15.52 12.49
CA ASN A 89 -16.78 16.11 13.59
C ASN A 89 -17.52 15.88 14.92
N GLU A 90 -18.82 16.15 14.94
CA GLU A 90 -19.62 15.97 16.15
C GLU A 90 -19.69 14.51 16.58
N MET A 91 -19.85 13.59 15.62
CA MET A 91 -19.93 12.17 15.93
C MET A 91 -18.63 11.60 16.54
N MET A 92 -17.50 12.20 16.19
CA MET A 92 -16.23 11.74 16.72
C MET A 92 -16.20 11.88 18.25
N SER A 93 -16.58 13.06 18.76
CA SER A 93 -16.56 13.25 20.21
C SER A 93 -17.64 12.40 20.89
N ARG A 94 -18.72 12.11 20.18
CA ARG A 94 -19.76 11.29 20.77
C ARG A 94 -19.28 9.83 20.84
N GLN A 95 -18.40 9.45 19.93
CA GLN A 95 -17.86 8.10 19.91
C GLN A 95 -16.62 8.00 20.80
N ASN A 96 -16.34 9.07 21.55
CA ASN A 96 -15.21 9.13 22.46
C ASN A 96 -13.87 9.01 21.74
N VAL A 97 -13.81 9.54 20.52
CA VAL A 97 -12.60 9.50 19.73
C VAL A 97 -11.71 10.69 20.09
N ASP A 98 -10.46 10.43 20.49
CA ASP A 98 -9.57 11.52 20.86
C ASP A 98 -8.39 11.65 19.90
N THR A 99 -8.26 10.69 18.99
CA THR A 99 -7.17 10.69 18.03
C THR A 99 -7.61 10.19 16.66
N VAL A 100 -7.16 10.86 15.61
CA VAL A 100 -7.47 10.49 14.24
C VAL A 100 -6.19 10.47 13.42
N PHE A 101 -6.00 9.40 12.65
CA PHE A 101 -4.82 9.26 11.79
C PHE A 101 -5.27 9.36 10.35
N GLY A 102 -4.70 10.30 9.60
CA GLY A 102 -5.11 10.46 8.22
C GLY A 102 -4.21 11.32 7.35
N TYR A 103 -4.61 11.41 6.08
CA TYR A 103 -3.89 12.19 5.09
C TYR A 103 -4.97 12.83 4.21
N PRO A 104 -4.94 14.17 4.07
CA PRO A 104 -5.92 14.89 3.25
C PRO A 104 -5.90 14.61 1.75
N GLY A 105 -6.99 14.98 1.10
CA GLY A 105 -7.13 14.80 -0.33
C GLY A 105 -8.37 15.54 -0.81
N GLY A 106 -8.55 15.62 -2.13
CA GLY A 106 -9.70 16.32 -2.67
C GLY A 106 -11.06 15.84 -2.20
N ALA A 107 -11.38 14.58 -2.48
CA ALA A 107 -12.66 13.99 -2.10
C ALA A 107 -13.01 14.10 -0.63
N ILE A 108 -12.00 14.12 0.24
CA ILE A 108 -12.26 14.19 1.67
C ILE A 108 -12.13 15.60 2.26
N LEU A 109 -11.93 16.60 1.40
CA LEU A 109 -11.79 17.98 1.82
C LEU A 109 -12.91 18.47 2.75
N PRO A 110 -14.19 18.22 2.39
CA PRO A 110 -15.32 18.66 3.22
C PRO A 110 -15.20 18.25 4.68
N VAL A 111 -14.61 17.09 4.93
CA VAL A 111 -14.45 16.63 6.30
C VAL A 111 -13.25 17.30 6.96
N TYR A 112 -12.15 17.46 6.21
CA TYR A 112 -10.98 18.10 6.76
C TYR A 112 -11.24 19.55 7.14
N ASP A 113 -11.97 20.27 6.29
CA ASP A 113 -12.30 21.66 6.56
C ASP A 113 -13.11 21.75 7.85
N ALA A 114 -13.92 20.72 8.11
CA ALA A 114 -14.76 20.69 9.32
C ALA A 114 -13.97 20.36 10.58
N ILE A 115 -12.86 19.63 10.43
CA ILE A 115 -12.04 19.27 11.59
C ILE A 115 -10.83 20.20 11.68
N HIS A 116 -10.84 21.26 10.88
CA HIS A 116 -9.74 22.24 10.87
C HIS A 116 -9.71 22.93 12.24
N ASN A 117 -8.58 22.77 12.93
CA ASN A 117 -8.38 23.36 14.26
C ASN A 117 -9.29 22.80 15.34
N SER A 118 -10.03 21.74 15.04
CA SER A 118 -10.92 21.15 16.04
C SER A 118 -10.14 20.67 17.24
N ASP A 119 -10.67 20.90 18.43
CA ASP A 119 -9.98 20.46 19.62
C ASP A 119 -10.66 19.24 20.21
N LYS A 120 -11.56 18.64 19.43
CA LYS A 120 -12.26 17.44 19.87
C LYS A 120 -11.26 16.29 19.86
N PHE A 121 -10.21 16.42 19.05
CA PHE A 121 -9.23 15.34 18.96
C PHE A 121 -7.88 15.73 18.38
N ASN A 122 -6.87 14.90 18.64
CA ASN A 122 -5.53 15.12 18.12
C ASN A 122 -5.44 14.47 16.74
N PHE A 123 -4.83 15.18 15.79
CA PHE A 123 -4.69 14.65 14.44
C PHE A 123 -3.25 14.29 14.18
N VAL A 124 -3.02 13.06 13.72
CA VAL A 124 -1.67 12.58 13.42
C VAL A 124 -1.55 12.38 11.93
N LEU A 125 -0.59 13.09 11.34
CA LEU A 125 -0.35 13.07 9.92
C LEU A 125 0.88 12.27 9.54
N PRO A 126 0.73 11.25 8.69
CA PRO A 126 1.86 10.43 8.26
C PRO A 126 2.37 10.92 6.91
N LYS A 127 3.26 10.17 6.28
CA LYS A 127 3.77 10.53 4.97
C LYS A 127 3.09 9.66 3.92
N HIS A 128 2.52 8.54 4.39
CA HIS A 128 1.85 7.58 3.51
C HIS A 128 0.63 7.02 4.26
N GLU A 129 -0.47 6.76 3.56
CA GLU A 129 -1.67 6.25 4.20
C GLU A 129 -1.47 4.91 4.89
N GLN A 130 -0.58 4.07 4.36
CA GLN A 130 -0.33 2.77 4.98
C GLN A 130 0.17 3.06 6.38
N GLY A 131 0.92 4.16 6.51
CA GLY A 131 1.43 4.56 7.81
C GLY A 131 0.29 4.91 8.75
N ALA A 132 -0.70 5.63 8.22
CA ALA A 132 -1.83 6.03 9.04
C ALA A 132 -2.55 4.78 9.54
N GLY A 133 -2.73 3.80 8.66
CA GLY A 133 -3.39 2.56 9.04
C GLY A 133 -2.66 1.79 10.12
N HIS A 134 -1.36 1.59 9.95
CA HIS A 134 -0.58 0.86 10.95
C HIS A 134 -0.47 1.64 12.26
N MET A 135 -0.43 2.97 12.18
CA MET A 135 -0.37 3.78 13.40
C MET A 135 -1.68 3.56 14.16
N ALA A 136 -2.79 3.55 13.44
CA ALA A 136 -4.10 3.34 14.05
C ALA A 136 -4.16 1.99 14.74
N GLU A 137 -3.60 0.96 14.10
CA GLU A 137 -3.60 -0.38 14.70
C GLU A 137 -2.79 -0.35 15.99
N GLY A 138 -1.60 0.24 15.92
CA GLY A 138 -0.75 0.33 17.09
C GLY A 138 -1.47 1.05 18.20
N TYR A 139 -2.16 2.13 17.84
CA TYR A 139 -2.92 2.92 18.79
C TYR A 139 -4.00 2.05 19.44
N ALA A 140 -4.70 1.28 18.64
CA ALA A 140 -5.78 0.42 19.14
C ALA A 140 -5.26 -0.69 20.04
N ARG A 141 -4.15 -1.31 19.65
CA ARG A 141 -3.55 -2.39 20.42
C ARG A 141 -3.09 -1.92 21.80
N ALA A 142 -2.59 -0.69 21.87
CA ALA A 142 -2.07 -0.14 23.11
C ALA A 142 -3.10 0.51 24.02
N SER A 143 -4.17 1.04 23.44
CA SER A 143 -5.21 1.72 24.22
C SER A 143 -6.48 0.91 24.45
N GLY A 144 -6.76 -0.04 23.57
CA GLY A 144 -7.99 -0.80 23.73
C GLY A 144 -9.13 -0.09 23.02
N LYS A 145 -8.85 1.10 22.50
CA LYS A 145 -9.85 1.89 21.78
C LYS A 145 -9.66 1.68 20.28
N PRO A 146 -10.72 1.86 19.48
CA PRO A 146 -10.59 1.69 18.04
C PRO A 146 -9.72 2.76 17.38
N GLY A 147 -8.92 2.35 16.40
CA GLY A 147 -8.07 3.29 15.69
C GLY A 147 -8.91 3.89 14.59
N VAL A 148 -8.86 5.21 14.44
CA VAL A 148 -9.65 5.90 13.42
C VAL A 148 -8.77 6.48 12.32
N VAL A 149 -9.06 6.08 11.09
CA VAL A 149 -8.32 6.54 9.93
C VAL A 149 -9.20 7.40 9.02
N LEU A 150 -8.65 8.49 8.51
CA LEU A 150 -9.39 9.40 7.63
C LEU A 150 -8.54 9.73 6.42
N VAL A 151 -8.80 9.06 5.30
CA VAL A 151 -8.06 9.30 4.07
C VAL A 151 -8.96 9.71 2.92
N THR A 152 -8.36 10.01 1.77
CA THR A 152 -9.12 10.44 0.61
C THR A 152 -9.48 9.28 -0.33
N SER A 153 -10.16 9.60 -1.42
CA SER A 153 -10.57 8.58 -2.38
C SER A 153 -9.42 8.03 -3.20
N GLY A 154 -9.75 7.12 -4.11
CA GLY A 154 -8.77 6.52 -4.98
C GLY A 154 -7.54 5.94 -4.31
N PRO A 155 -6.35 6.49 -4.61
CA PRO A 155 -5.07 6.05 -4.07
C PRO A 155 -4.98 6.15 -2.56
N GLY A 156 -5.70 7.12 -1.99
CA GLY A 156 -5.69 7.27 -0.55
C GLY A 156 -6.32 6.05 0.09
N ALA A 157 -7.41 5.56 -0.53
CA ALA A 157 -8.13 4.41 -0.03
C ALA A 157 -7.42 3.09 -0.30
N THR A 158 -6.86 2.94 -1.49
CA THR A 158 -6.18 1.70 -1.82
C THR A 158 -4.90 1.54 -0.99
N ASN A 159 -4.36 2.65 -0.53
CA ASN A 159 -3.15 2.61 0.28
C ASN A 159 -3.40 2.08 1.70
N VAL A 160 -4.67 1.93 2.10
CA VAL A 160 -4.96 1.42 3.44
C VAL A 160 -5.48 -0.02 3.44
N VAL A 161 -5.44 -0.67 2.28
CA VAL A 161 -5.93 -2.04 2.18
C VAL A 161 -5.08 -2.99 3.03
N THR A 162 -3.76 -2.85 2.96
CA THR A 162 -2.88 -3.71 3.76
C THR A 162 -3.18 -3.54 5.25
N PRO A 163 -3.23 -2.29 5.75
CA PRO A 163 -3.52 -2.13 7.18
C PRO A 163 -4.88 -2.74 7.56
N MET A 164 -5.86 -2.66 6.68
CA MET A 164 -7.17 -3.24 6.98
C MET A 164 -7.07 -4.77 6.97
N ALA A 165 -6.40 -5.32 5.96
CA ALA A 165 -6.22 -6.77 5.88
C ALA A 165 -5.46 -7.25 7.11
N ASP A 166 -4.56 -6.40 7.60
CA ASP A 166 -3.75 -6.73 8.76
C ASP A 166 -4.59 -6.73 10.04
N ALA A 167 -5.45 -5.73 10.18
CA ALA A 167 -6.31 -5.63 11.36
C ALA A 167 -7.36 -6.73 11.35
N PHE A 168 -7.75 -7.14 10.15
CA PHE A 168 -8.75 -8.18 9.98
C PHE A 168 -8.21 -9.51 10.49
N ALA A 169 -6.95 -9.79 10.16
CA ALA A 169 -6.33 -11.04 10.58
C ALA A 169 -6.05 -11.10 12.08
N ASP A 170 -5.67 -9.98 12.67
CA ASP A 170 -5.36 -9.94 14.09
C ASP A 170 -6.48 -9.42 14.99
N GLY A 171 -7.68 -9.25 14.43
CA GLY A 171 -8.80 -8.79 15.23
C GLY A 171 -8.60 -7.45 15.91
N ILE A 172 -8.15 -6.46 15.16
CA ILE A 172 -7.91 -5.13 15.70
C ILE A 172 -9.05 -4.18 15.34
N PRO A 173 -9.65 -3.52 16.34
CA PRO A 173 -10.76 -2.59 16.07
C PRO A 173 -10.26 -1.36 15.34
N MET A 174 -10.86 -1.06 14.20
CA MET A 174 -10.42 0.08 13.42
C MET A 174 -11.57 0.58 12.54
N VAL A 175 -11.78 1.89 12.54
CA VAL A 175 -12.83 2.46 11.69
C VAL A 175 -12.12 3.29 10.60
N VAL A 176 -12.24 2.86 9.36
CA VAL A 176 -11.60 3.55 8.25
C VAL A 176 -12.56 4.39 7.42
N PHE A 177 -12.35 5.71 7.44
CA PHE A 177 -13.19 6.61 6.65
C PHE A 177 -12.45 7.02 5.39
N THR A 178 -13.01 6.66 4.24
CA THR A 178 -12.41 7.01 2.97
C THR A 178 -13.31 7.98 2.21
N GLY A 179 -12.72 9.07 1.72
CA GLY A 179 -13.49 10.02 0.95
C GLY A 179 -13.77 9.35 -0.38
N GLN A 180 -14.85 9.74 -1.03
CA GLN A 180 -15.22 9.16 -2.32
C GLN A 180 -15.63 10.29 -3.26
N VAL A 181 -15.68 10.01 -4.56
CA VAL A 181 -16.09 11.03 -5.51
C VAL A 181 -17.59 11.25 -5.29
N PRO A 182 -18.13 12.37 -5.81
CA PRO A 182 -19.56 12.67 -5.66
C PRO A 182 -20.39 11.49 -6.13
N THR A 183 -21.48 11.19 -5.44
CA THR A 183 -22.33 10.06 -5.81
C THR A 183 -22.74 10.09 -7.28
N SER A 184 -22.86 11.28 -7.86
CA SER A 184 -23.24 11.41 -9.25
C SER A 184 -22.11 11.07 -10.21
N ALA A 185 -20.90 10.90 -9.70
CA ALA A 185 -19.76 10.56 -10.55
C ALA A 185 -19.39 9.10 -10.39
N ILE A 186 -19.93 8.46 -9.36
CA ILE A 186 -19.64 7.06 -9.11
C ILE A 186 -20.06 6.21 -10.32
N GLY A 187 -19.17 5.33 -10.76
CA GLY A 187 -19.47 4.47 -11.89
C GLY A 187 -19.18 5.09 -13.24
N THR A 188 -18.49 6.22 -13.25
CA THR A 188 -18.16 6.89 -14.51
C THR A 188 -16.65 6.90 -14.74
N ASP A 189 -15.93 6.14 -13.94
CA ASP A 189 -14.47 6.10 -14.03
C ASP A 189 -13.97 7.52 -13.78
N ALA A 190 -14.51 8.13 -12.73
CA ALA A 190 -14.18 9.48 -12.34
C ALA A 190 -12.76 9.61 -11.80
N PHE A 191 -12.28 10.85 -11.75
CA PHE A 191 -10.94 11.15 -11.23
C PHE A 191 -10.82 10.65 -9.79
N GLN A 192 -9.79 9.83 -9.56
CA GLN A 192 -9.52 9.26 -8.24
C GLN A 192 -10.69 8.47 -7.65
N GLU A 193 -11.40 7.73 -8.51
CA GLU A 193 -12.51 6.91 -8.07
C GLU A 193 -12.08 5.46 -7.98
N ALA A 194 -12.49 4.79 -6.91
CA ALA A 194 -12.16 3.38 -6.73
C ALA A 194 -13.34 2.69 -6.06
N ASP A 195 -13.52 1.41 -6.36
CA ASP A 195 -14.59 0.66 -5.75
C ASP A 195 -14.00 0.11 -4.44
N VAL A 196 -13.82 1.00 -3.47
CA VAL A 196 -13.23 0.61 -2.20
C VAL A 196 -14.12 -0.35 -1.40
N VAL A 197 -15.43 -0.17 -1.49
CA VAL A 197 -16.35 -1.04 -0.79
C VAL A 197 -16.17 -2.46 -1.32
N GLY A 198 -16.00 -2.57 -2.64
CA GLY A 198 -15.80 -3.88 -3.24
C GLY A 198 -14.43 -4.45 -2.92
N ILE A 199 -13.42 -3.59 -2.93
CA ILE A 199 -12.04 -3.98 -2.64
C ILE A 199 -11.83 -4.44 -1.21
N SER A 200 -12.38 -3.69 -0.25
CA SER A 200 -12.22 -4.02 1.17
C SER A 200 -13.27 -4.99 1.70
N ARG A 201 -14.13 -5.48 0.82
CA ARG A 201 -15.18 -6.42 1.19
C ARG A 201 -14.65 -7.60 2.00
N SER A 202 -13.58 -8.24 1.52
CA SER A 202 -13.01 -9.39 2.20
C SER A 202 -12.04 -9.10 3.34
N CYS A 203 -11.69 -7.84 3.57
CA CYS A 203 -10.78 -7.52 4.66
C CYS A 203 -11.35 -6.54 5.68
N THR A 204 -12.66 -6.57 5.85
CA THR A 204 -13.35 -5.73 6.84
C THR A 204 -14.51 -6.57 7.36
N LYS A 205 -14.87 -6.36 8.62
CA LYS A 205 -15.99 -7.10 9.21
C LYS A 205 -17.27 -6.62 8.57
N TRP A 206 -17.23 -5.38 8.05
CA TRP A 206 -18.39 -4.73 7.46
C TRP A 206 -17.94 -3.42 6.82
N ASN A 207 -18.61 -3.00 5.76
CA ASN A 207 -18.30 -1.72 5.14
C ASN A 207 -19.57 -1.16 4.52
N VAL A 208 -19.54 0.11 4.14
CA VAL A 208 -20.71 0.76 3.58
C VAL A 208 -20.35 2.07 2.94
N MET A 209 -21.18 2.49 1.98
CA MET A 209 -20.99 3.78 1.33
C MET A 209 -22.18 4.61 1.74
N VAL A 210 -21.92 5.68 2.47
CA VAL A 210 -22.99 6.57 2.92
C VAL A 210 -23.60 7.22 1.69
N LYS A 211 -24.89 7.00 1.49
CA LYS A 211 -25.56 7.55 0.31
C LYS A 211 -26.21 8.91 0.52
N SER A 212 -26.39 9.31 1.77
CA SER A 212 -26.99 10.61 2.09
C SER A 212 -26.51 11.09 3.45
N VAL A 213 -26.53 12.42 3.65
CA VAL A 213 -26.10 13.00 4.90
C VAL A 213 -27.02 12.58 6.05
N GLU A 214 -28.27 12.27 5.74
CA GLU A 214 -29.24 11.85 6.75
C GLU A 214 -28.83 10.54 7.42
N GLU A 215 -28.16 9.68 6.68
CA GLU A 215 -27.75 8.39 7.23
C GLU A 215 -26.32 8.37 7.75
N LEU A 216 -25.63 9.50 7.67
CA LEU A 216 -24.26 9.59 8.14
C LEU A 216 -24.11 9.20 9.61
N PRO A 217 -24.92 9.77 10.50
CA PRO A 217 -24.81 9.43 11.93
C PRO A 217 -25.03 7.94 12.17
N LEU A 218 -26.05 7.39 11.52
CA LEU A 218 -26.36 5.97 11.66
C LEU A 218 -25.18 5.08 11.26
N ARG A 219 -24.66 5.32 10.07
CA ARG A 219 -23.53 4.53 9.58
C ARG A 219 -22.31 4.62 10.49
N ILE A 220 -21.99 5.82 10.97
CA ILE A 220 -20.84 5.99 11.84
C ILE A 220 -21.05 5.14 13.10
N ASN A 221 -22.25 5.21 13.68
CA ASN A 221 -22.54 4.46 14.88
C ASN A 221 -22.48 2.95 14.67
N GLU A 222 -22.94 2.48 13.52
CA GLU A 222 -22.92 1.05 13.21
C GLU A 222 -21.47 0.61 13.07
N ALA A 223 -20.66 1.45 12.40
CA ALA A 223 -19.26 1.17 12.18
C ALA A 223 -18.50 0.96 13.49
N PHE A 224 -18.62 1.90 14.42
CA PHE A 224 -17.93 1.77 15.69
C PHE A 224 -18.40 0.57 16.50
N GLU A 225 -19.69 0.27 16.42
CA GLU A 225 -20.21 -0.85 17.17
C GLU A 225 -19.72 -2.19 16.63
N ILE A 226 -19.72 -2.33 15.31
CA ILE A 226 -19.28 -3.56 14.69
C ILE A 226 -17.77 -3.77 14.86
N ALA A 227 -17.02 -2.68 14.83
CA ALA A 227 -15.57 -2.77 14.96
C ALA A 227 -15.11 -3.19 16.35
N THR A 228 -15.87 -2.80 17.37
CA THR A 228 -15.49 -3.11 18.74
C THR A 228 -16.24 -4.22 19.47
N SER A 229 -17.15 -4.90 18.78
CA SER A 229 -17.89 -5.98 19.43
C SER A 229 -17.53 -7.32 18.79
N GLY A 230 -17.99 -8.43 19.38
CA GLY A 230 -17.65 -9.75 18.88
C GLY A 230 -16.14 -9.81 18.86
N ARG A 231 -15.56 -10.34 17.80
CA ARG A 231 -14.10 -10.34 17.71
C ARG A 231 -13.81 -9.00 17.06
N PRO A 232 -13.07 -8.12 17.74
CA PRO A 232 -12.76 -6.82 17.16
C PRO A 232 -12.24 -6.95 15.74
N GLY A 233 -12.38 -5.89 14.95
CA GLY A 233 -11.91 -5.93 13.58
C GLY A 233 -12.12 -4.59 12.89
N PRO A 234 -11.63 -4.45 11.66
CA PRO A 234 -11.81 -3.18 10.94
C PRO A 234 -13.09 -3.07 10.13
N VAL A 235 -13.55 -1.83 9.94
CA VAL A 235 -14.74 -1.55 9.15
C VAL A 235 -14.41 -0.33 8.31
N LEU A 236 -15.05 -0.22 7.15
CA LEU A 236 -14.80 0.90 6.27
C LEU A 236 -16.10 1.63 5.95
N VAL A 237 -16.04 2.96 5.99
CA VAL A 237 -17.19 3.79 5.67
C VAL A 237 -16.76 4.72 4.54
N ASP A 238 -17.33 4.51 3.36
CA ASP A 238 -17.02 5.31 2.17
C ASP A 238 -17.84 6.61 2.25
N LEU A 239 -17.17 7.75 2.05
CA LEU A 239 -17.85 9.05 2.14
C LEU A 239 -17.83 9.93 0.89
N PRO A 240 -18.90 9.87 0.08
CA PRO A 240 -18.98 10.67 -1.15
C PRO A 240 -18.86 12.16 -0.83
N LYS A 241 -18.04 12.87 -1.60
CA LYS A 241 -17.82 14.30 -1.39
C LYS A 241 -19.10 15.11 -1.31
N ASP A 242 -20.11 14.75 -2.10
CA ASP A 242 -21.37 15.47 -2.09
C ASP A 242 -22.16 15.24 -0.81
N VAL A 243 -21.92 14.11 -0.15
CA VAL A 243 -22.62 13.81 1.09
C VAL A 243 -22.00 14.58 2.26
N THR A 244 -20.68 14.68 2.29
CA THR A 244 -20.02 15.40 3.38
C THR A 244 -20.09 16.91 3.19
N ALA A 245 -20.24 17.37 1.95
CA ALA A 245 -20.34 18.80 1.69
C ALA A 245 -21.79 19.24 1.84
N ALA A 246 -22.71 18.28 1.68
CA ALA A 246 -24.13 18.56 1.77
C ALA A 246 -24.53 19.00 3.17
N ILE A 247 -25.61 19.77 3.25
CA ILE A 247 -26.14 20.26 4.51
C ILE A 247 -27.37 19.45 4.87
N LEU A 248 -27.48 19.07 6.14
CA LEU A 248 -28.63 18.29 6.59
C LEU A 248 -29.85 19.20 6.66
N ARG A 249 -30.84 18.95 5.80
CA ARG A 249 -32.04 19.76 5.79
C ARG A 249 -33.29 19.00 6.23
N ASN A 250 -33.08 17.85 6.86
CA ASN A 250 -34.17 17.00 7.34
C ASN A 250 -33.86 16.45 8.72
N PRO A 251 -34.86 16.44 9.62
CA PRO A 251 -34.63 15.91 10.96
C PRO A 251 -34.41 14.39 10.80
N ILE A 252 -33.62 13.79 11.68
CA ILE A 252 -33.37 12.37 11.59
C ILE A 252 -33.70 11.67 12.91
N PRO A 253 -33.97 10.36 12.86
CA PRO A 253 -34.31 9.58 14.05
C PRO A 253 -33.30 9.73 15.17
N THR A 254 -33.79 10.05 16.36
CA THR A 254 -32.92 10.23 17.52
C THR A 254 -32.02 9.03 17.76
N LYS A 255 -32.55 7.84 17.54
CA LYS A 255 -31.78 6.62 17.74
C LYS A 255 -30.50 6.58 16.92
N THR A 256 -30.61 6.90 15.63
CA THR A 256 -29.46 6.90 14.72
C THR A 256 -28.36 7.90 15.04
N THR A 257 -28.55 8.72 16.08
CA THR A 257 -27.52 9.70 16.43
C THR A 257 -26.89 9.40 17.79
N LEU A 258 -27.41 8.39 18.47
CA LEU A 258 -26.89 8.01 19.77
C LEU A 258 -26.17 6.66 19.64
N PRO A 259 -24.88 6.63 20.03
CA PRO A 259 -24.04 5.42 19.98
C PRO A 259 -24.73 4.14 20.47
N THR A 267 -29.63 -10.91 24.73
CA THR A 267 -29.30 -11.77 25.85
C THR A 267 -30.50 -12.64 26.25
N SER A 268 -30.82 -13.62 25.41
CA SER A 268 -31.93 -14.52 25.67
C SER A 268 -31.70 -15.33 26.95
N ARG A 269 -32.76 -15.52 27.73
CA ARG A 269 -32.65 -16.26 28.97
C ARG A 269 -32.26 -17.70 28.66
N ALA A 270 -32.66 -18.17 27.48
CA ALA A 270 -32.35 -19.53 27.05
C ALA A 270 -30.86 -19.60 26.68
N GLN A 271 -30.38 -18.58 25.98
CA GLN A 271 -28.98 -18.52 25.58
C GLN A 271 -28.08 -18.57 26.81
N ASP A 272 -28.32 -17.64 27.74
CA ASP A 272 -27.54 -17.57 28.97
C ASP A 272 -27.57 -18.90 29.68
N GLU A 273 -28.71 -19.57 29.63
CA GLU A 273 -28.88 -20.86 30.27
C GLU A 273 -28.04 -21.90 29.54
N PHE A 274 -27.92 -21.73 28.23
CA PHE A 274 -27.13 -22.64 27.41
C PHE A 274 -25.63 -22.43 27.64
N VAL A 275 -25.24 -21.18 27.82
CA VAL A 275 -23.84 -20.86 28.06
C VAL A 275 -23.46 -21.41 29.43
N MET A 276 -24.38 -21.24 30.38
CA MET A 276 -24.16 -21.72 31.74
C MET A 276 -24.02 -23.25 31.74
N GLN A 277 -24.75 -23.91 30.85
CA GLN A 277 -24.68 -25.35 30.77
C GLN A 277 -23.31 -25.75 30.22
N SER A 278 -22.80 -24.94 29.28
CA SER A 278 -21.49 -25.18 28.67
C SER A 278 -20.42 -25.00 29.73
N ILE A 279 -20.58 -23.95 30.53
CA ILE A 279 -19.63 -23.65 31.59
C ILE A 279 -19.58 -24.79 32.60
N ASN A 280 -20.74 -25.35 32.94
CA ASN A 280 -20.76 -26.46 33.88
C ASN A 280 -20.05 -27.67 33.31
N LYS A 281 -20.26 -27.96 32.03
CA LYS A 281 -19.58 -29.09 31.41
C LYS A 281 -18.07 -28.85 31.38
N ALA A 282 -17.69 -27.60 31.07
CA ALA A 282 -16.28 -27.25 31.01
C ALA A 282 -15.66 -27.46 32.40
N ALA A 283 -16.38 -27.03 33.43
CA ALA A 283 -15.90 -27.19 34.79
C ALA A 283 -15.74 -28.66 35.16
N ASP A 284 -16.74 -29.49 34.83
CA ASP A 284 -16.67 -30.90 35.15
C ASP A 284 -15.46 -31.53 34.49
N LEU A 285 -15.24 -31.20 33.22
CA LEU A 285 -14.13 -31.75 32.47
C LEU A 285 -12.79 -31.31 33.06
N ILE A 286 -12.71 -30.04 33.47
CA ILE A 286 -11.48 -29.52 34.06
C ILE A 286 -11.21 -30.20 35.40
N ASN A 287 -12.27 -30.48 36.15
CA ASN A 287 -12.12 -31.13 37.45
C ASN A 287 -11.68 -32.59 37.29
N LEU A 288 -11.73 -33.10 36.07
CA LEU A 288 -11.35 -34.47 35.78
C LEU A 288 -9.90 -34.60 35.31
N ALA A 289 -9.40 -33.52 34.70
CA ALA A 289 -8.07 -33.49 34.14
C ALA A 289 -6.92 -33.81 35.09
N LYS A 290 -5.93 -34.53 34.56
CA LYS A 290 -4.74 -34.93 35.31
C LYS A 290 -3.52 -34.20 34.75
N LYS A 291 -3.57 -33.85 33.47
CA LYS A 291 -2.47 -33.15 32.80
C LYS A 291 -3.02 -32.01 31.94
N PRO A 292 -3.67 -31.02 32.58
CA PRO A 292 -4.25 -29.89 31.87
C PRO A 292 -3.25 -28.83 31.44
N VAL A 293 -3.58 -28.13 30.37
CA VAL A 293 -2.76 -27.05 29.86
C VAL A 293 -3.69 -25.95 29.40
N LEU A 294 -3.32 -24.70 29.69
CA LEU A 294 -4.11 -23.56 29.25
C LEU A 294 -3.41 -22.98 28.03
N TYR A 295 -4.12 -22.99 26.91
CA TYR A 295 -3.61 -22.46 25.64
C TYR A 295 -4.33 -21.13 25.49
N VAL A 296 -3.62 -20.05 25.86
CA VAL A 296 -4.16 -18.69 25.86
C VAL A 296 -3.72 -17.77 24.73
N GLY A 297 -4.68 -17.04 24.16
CA GLY A 297 -4.40 -16.13 23.07
C GLY A 297 -4.87 -14.70 23.27
N ALA A 298 -4.91 -13.95 22.17
CA ALA A 298 -5.32 -12.54 22.17
C ALA A 298 -6.69 -12.24 22.78
N GLY A 299 -7.59 -13.20 22.74
CA GLY A 299 -8.92 -13.00 23.28
C GLY A 299 -8.96 -12.64 24.75
N ILE A 300 -8.01 -13.16 25.53
CA ILE A 300 -7.99 -12.87 26.97
C ILE A 300 -7.61 -11.42 27.23
N LEU A 301 -6.99 -10.79 26.25
CA LEU A 301 -6.57 -9.41 26.38
C LEU A 301 -7.66 -8.41 25.99
N ASN A 302 -8.82 -8.91 25.55
CA ASN A 302 -9.90 -8.02 25.15
C ASN A 302 -10.84 -7.65 26.30
N HIS A 303 -10.33 -7.83 27.52
CA HIS A 303 -11.09 -7.49 28.73
C HIS A 303 -10.07 -7.12 29.80
N ALA A 304 -10.32 -6.02 30.51
CA ALA A 304 -9.41 -5.57 31.54
C ALA A 304 -9.11 -6.62 32.61
N ASP A 305 -10.10 -7.43 32.94
CA ASP A 305 -9.89 -8.45 33.98
C ASP A 305 -9.39 -9.78 33.44
N GLY A 306 -9.21 -9.87 32.13
CA GLY A 306 -8.74 -11.10 31.51
C GLY A 306 -7.56 -11.75 32.20
N PRO A 307 -6.40 -11.07 32.24
CA PRO A 307 -5.19 -11.61 32.88
C PRO A 307 -5.42 -12.05 34.31
N ARG A 308 -6.14 -11.23 35.08
CA ARG A 308 -6.42 -11.53 36.48
C ARG A 308 -7.18 -12.84 36.66
N LEU A 309 -8.26 -13.02 35.91
CA LEU A 309 -9.06 -14.24 36.02
C LEU A 309 -8.28 -15.44 35.48
N LEU A 310 -7.42 -15.21 34.49
CA LEU A 310 -6.64 -16.30 33.94
C LEU A 310 -5.69 -16.80 35.03
N LYS A 311 -5.01 -15.87 35.68
CA LYS A 311 -4.08 -16.22 36.74
C LYS A 311 -4.81 -16.94 37.87
N GLU A 312 -5.99 -16.44 38.21
CA GLU A 312 -6.76 -17.06 39.29
C GLU A 312 -7.05 -18.52 38.95
N LEU A 313 -7.57 -18.77 37.75
CA LEU A 313 -7.88 -20.13 37.33
C LEU A 313 -6.63 -21.00 37.37
N SER A 314 -5.52 -20.46 36.87
CA SER A 314 -4.26 -21.17 36.83
C SER A 314 -3.82 -21.54 38.25
N ASP A 315 -3.87 -20.58 39.17
CA ASP A 315 -3.48 -20.83 40.55
C ASP A 315 -4.42 -21.83 41.21
N ARG A 316 -5.72 -21.57 41.08
CA ARG A 316 -6.75 -22.40 41.67
C ARG A 316 -6.69 -23.87 41.26
N ALA A 317 -6.53 -24.14 39.97
CA ALA A 317 -6.50 -25.51 39.49
C ALA A 317 -5.11 -26.04 39.18
N GLN A 318 -4.08 -25.24 39.47
CA GLN A 318 -2.70 -25.66 39.20
C GLN A 318 -2.56 -26.09 37.75
N ILE A 319 -2.88 -25.16 36.84
CA ILE A 319 -2.79 -25.44 35.42
C ILE A 319 -1.69 -24.63 34.75
N PRO A 320 -0.74 -25.30 34.07
CA PRO A 320 0.36 -24.60 33.39
C PRO A 320 -0.24 -23.75 32.26
N VAL A 321 0.40 -22.62 31.97
CA VAL A 321 -0.08 -21.71 30.94
C VAL A 321 0.89 -21.42 29.81
N THR A 322 0.41 -21.58 28.58
CA THR A 322 1.20 -21.28 27.39
C THR A 322 0.35 -20.31 26.58
N THR A 323 1.00 -19.31 25.98
CA THR A 323 0.29 -18.32 25.17
C THR A 323 0.80 -18.34 23.75
N THR A 324 0.01 -17.77 22.84
CA THR A 324 0.39 -17.67 21.44
C THR A 324 1.22 -16.39 21.35
N LEU A 325 1.64 -16.02 20.14
CA LEU A 325 2.41 -14.80 19.94
C LEU A 325 1.54 -13.61 20.37
N GLN A 326 0.25 -13.66 20.03
CA GLN A 326 -0.67 -12.59 20.35
C GLN A 326 -1.19 -12.60 21.79
N GLY A 327 -0.79 -13.61 22.55
CA GLY A 327 -1.20 -13.70 23.94
C GLY A 327 -0.08 -13.31 24.89
N LEU A 328 1.11 -13.06 24.35
CA LEU A 328 2.27 -12.69 25.18
C LEU A 328 1.97 -11.44 26.00
N GLY A 329 2.19 -11.55 27.30
CA GLY A 329 1.92 -10.45 28.19
C GLY A 329 0.66 -10.67 29.01
N SER A 330 -0.14 -11.66 28.60
CA SER A 330 -1.38 -11.95 29.32
C SER A 330 -1.09 -12.78 30.55
N PHE A 331 0.06 -13.45 30.57
CA PHE A 331 0.45 -14.27 31.71
C PHE A 331 1.85 -13.85 32.15
N ASP A 332 2.06 -13.76 33.46
CA ASP A 332 3.35 -13.39 34.00
C ASP A 332 4.34 -14.53 33.77
N GLN A 333 5.31 -14.30 32.89
CA GLN A 333 6.28 -15.35 32.59
C GLN A 333 7.25 -15.63 33.75
N GLU A 334 7.16 -14.82 34.81
CA GLU A 334 8.02 -15.00 35.98
C GLU A 334 7.40 -16.08 36.86
N ASP A 335 6.13 -16.37 36.62
CA ASP A 335 5.39 -17.39 37.36
C ASP A 335 5.91 -18.77 36.98
N PRO A 336 6.15 -19.64 37.97
CA PRO A 336 6.65 -20.99 37.66
C PRO A 336 5.72 -21.82 36.76
N LYS A 337 4.44 -21.48 36.73
CA LYS A 337 3.49 -22.22 35.90
C LYS A 337 3.46 -21.75 34.44
N SER A 338 4.34 -20.81 34.10
CA SER A 338 4.44 -20.31 32.73
C SER A 338 5.21 -21.28 31.85
N LEU A 339 4.65 -21.63 30.69
CA LEU A 339 5.31 -22.54 29.76
C LEU A 339 5.92 -21.76 28.60
N ASP A 340 5.66 -20.46 28.58
CA ASP A 340 6.14 -19.57 27.51
C ASP A 340 5.32 -19.81 26.24
N MET A 341 5.85 -19.37 25.10
CA MET A 341 5.12 -19.48 23.83
C MET A 341 5.16 -20.86 23.16
N LEU A 342 4.05 -21.21 22.51
CA LEU A 342 3.95 -22.49 21.81
C LEU A 342 3.94 -22.20 20.32
N GLY A 343 4.03 -23.25 19.50
CA GLY A 343 3.97 -23.06 18.07
C GLY A 343 5.21 -23.35 17.26
N MET A 344 5.15 -22.96 15.99
CA MET A 344 6.25 -23.14 15.05
C MET A 344 7.61 -22.83 15.65
N HIS A 345 7.72 -21.68 16.31
CA HIS A 345 8.96 -21.26 16.94
C HIS A 345 8.79 -21.11 18.44
N GLY A 346 7.89 -21.88 19.01
CA GLY A 346 7.65 -21.79 20.44
C GLY A 346 8.58 -22.66 21.27
N CYS A 347 8.59 -22.40 22.57
CA CYS A 347 9.41 -23.15 23.51
C CYS A 347 9.05 -24.63 23.42
N ALA A 348 10.06 -25.50 23.34
CA ALA A 348 9.83 -26.93 23.24
C ALA A 348 9.00 -27.47 24.40
N THR A 349 9.19 -26.89 25.59
CA THR A 349 8.44 -27.32 26.76
C THR A 349 6.94 -27.07 26.59
N ALA A 350 6.61 -25.91 26.01
CA ALA A 350 5.22 -25.55 25.77
C ALA A 350 4.61 -26.53 24.78
N ASN A 351 5.34 -26.80 23.70
CA ASN A 351 4.83 -27.72 22.69
C ASN A 351 4.68 -29.13 23.24
N LEU A 352 5.65 -29.58 24.03
CA LEU A 352 5.60 -30.92 24.61
C LEU A 352 4.40 -31.05 25.57
N ALA A 353 4.18 -30.00 26.37
CA ALA A 353 3.07 -30.01 27.31
C ALA A 353 1.75 -30.16 26.57
N VAL A 354 1.62 -29.44 25.46
CA VAL A 354 0.41 -29.49 24.65
C VAL A 354 0.23 -30.85 23.99
N GLN A 355 1.33 -31.45 23.58
CA GLN A 355 1.29 -32.76 22.92
C GLN A 355 1.03 -33.89 23.91
N ASN A 356 1.21 -33.62 25.20
CA ASN A 356 1.02 -34.63 26.22
C ASN A 356 -0.15 -34.39 27.18
N ALA A 357 -0.75 -33.21 27.11
CA ALA A 357 -1.87 -32.87 27.98
C ALA A 357 -3.08 -33.75 27.70
N ASP A 358 -3.90 -34.02 28.72
CA ASP A 358 -5.09 -34.82 28.51
C ASP A 358 -6.25 -33.85 28.31
N LEU A 359 -6.02 -32.59 28.65
CA LEU A 359 -7.03 -31.56 28.49
C LEU A 359 -6.42 -30.22 28.09
N ILE A 360 -6.86 -29.71 26.94
CA ILE A 360 -6.39 -28.42 26.47
C ILE A 360 -7.52 -27.42 26.63
N ILE A 361 -7.27 -26.38 27.42
CA ILE A 361 -8.26 -25.34 27.67
C ILE A 361 -7.86 -24.11 26.86
N ALA A 362 -8.44 -24.00 25.67
CA ALA A 362 -8.16 -22.88 24.76
C ALA A 362 -8.97 -21.64 25.16
N VAL A 363 -8.26 -20.57 25.47
CA VAL A 363 -8.89 -19.33 25.89
C VAL A 363 -8.51 -18.17 24.97
N GLY A 364 -9.45 -17.76 24.13
CA GLY A 364 -9.20 -16.64 23.22
C GLY A 364 -8.06 -16.87 22.24
N ALA A 365 -8.01 -18.05 21.64
CA ALA A 365 -6.98 -18.40 20.65
C ALA A 365 -7.72 -19.12 19.52
N ARG A 366 -7.21 -19.02 18.29
CA ARG A 366 -7.89 -19.62 17.14
C ARG A 366 -7.24 -20.81 16.43
N PHE A 367 -6.32 -21.50 17.09
CA PHE A 367 -5.65 -22.66 16.49
C PHE A 367 -5.12 -22.38 15.08
N ASP A 368 -4.45 -21.26 14.87
CA ASP A 368 -3.92 -20.97 13.53
C ASP A 368 -2.80 -21.94 13.16
N ASP A 369 -2.46 -22.02 11.87
CA ASP A 369 -1.43 -22.95 11.41
C ASP A 369 0.01 -22.68 11.87
N ARG A 370 0.25 -21.55 12.53
CA ARG A 370 1.59 -21.25 13.03
C ARG A 370 1.69 -21.79 14.46
N VAL A 371 0.57 -22.27 14.99
CA VAL A 371 0.50 -22.78 16.36
C VAL A 371 0.32 -24.30 16.51
N THR A 372 -0.52 -24.88 15.65
CA THR A 372 -0.83 -26.30 15.72
C THR A 372 0.15 -27.31 15.15
N GLY A 373 1.01 -26.88 14.24
CA GLY A 373 1.92 -27.82 13.62
C GLY A 373 1.04 -28.68 12.73
N ASN A 374 1.50 -29.88 12.36
CA ASN A 374 0.69 -30.76 11.52
C ASN A 374 -0.57 -31.06 12.34
N ILE A 375 -1.72 -30.59 11.87
CA ILE A 375 -2.96 -30.77 12.59
C ILE A 375 -3.34 -32.23 12.90
N SER A 376 -2.99 -33.16 12.04
CA SER A 376 -3.34 -34.55 12.29
C SER A 376 -2.50 -35.11 13.44
N LYS A 377 -1.45 -34.40 13.81
CA LYS A 377 -0.58 -34.83 14.89
C LYS A 377 -0.75 -33.97 16.12
N PHE A 378 -1.63 -32.97 16.03
CA PHE A 378 -1.87 -32.03 17.13
C PHE A 378 -2.59 -32.63 18.35
N ALA A 379 -2.01 -32.41 19.52
CA ALA A 379 -2.56 -32.88 20.79
C ALA A 379 -3.08 -34.31 20.81
N PRO A 380 -2.20 -35.30 20.61
CA PRO A 380 -2.59 -36.71 20.61
C PRO A 380 -3.21 -37.20 21.91
N GLU A 381 -2.65 -36.76 23.03
CA GLU A 381 -3.17 -37.19 24.33
C GLU A 381 -4.53 -36.60 24.66
N ALA A 382 -4.79 -35.39 24.18
CA ALA A 382 -6.10 -34.78 24.44
C ALA A 382 -7.12 -35.52 23.58
N ARG A 383 -6.69 -35.91 22.38
CA ARG A 383 -7.54 -36.62 21.45
C ARG A 383 -7.88 -38.00 22.03
N ARG A 384 -6.89 -38.62 22.67
CA ARG A 384 -7.08 -39.93 23.29
C ARG A 384 -8.03 -39.81 24.48
N ALA A 385 -7.83 -38.78 25.29
CA ALA A 385 -8.67 -38.54 26.46
C ALA A 385 -10.13 -38.35 26.05
N ALA A 386 -10.34 -37.63 24.95
CA ALA A 386 -11.69 -37.39 24.44
C ALA A 386 -12.33 -38.72 24.02
N ALA A 387 -11.59 -39.55 23.30
CA ALA A 387 -12.12 -40.84 22.86
C ALA A 387 -12.54 -41.66 24.08
N GLU A 388 -11.90 -41.40 25.22
CA GLU A 388 -12.20 -42.13 26.44
C GLU A 388 -13.09 -41.32 27.39
N GLY A 389 -13.65 -40.22 26.89
CA GLY A 389 -14.52 -39.39 27.70
C GLY A 389 -13.92 -38.86 29.00
N ARG A 390 -12.62 -38.57 29.00
CA ARG A 390 -12.00 -38.06 30.21
C ARG A 390 -11.17 -36.80 29.93
N GLY A 391 -11.47 -36.14 28.81
CA GLY A 391 -10.73 -34.93 28.47
C GLY A 391 -10.97 -34.47 27.05
N GLY A 392 -9.96 -33.86 26.44
CA GLY A 392 -10.09 -33.38 25.08
C GLY A 392 -9.79 -31.90 24.98
N ILE A 393 -10.66 -31.15 24.32
CA ILE A 393 -10.46 -29.72 24.15
C ILE A 393 -11.66 -28.86 24.52
N ILE A 394 -11.42 -27.84 25.33
CA ILE A 394 -12.46 -26.88 25.74
C ILE A 394 -12.08 -25.59 25.04
N HIS A 395 -13.04 -24.88 24.48
CA HIS A 395 -12.75 -23.66 23.75
C HIS A 395 -13.61 -22.44 24.09
N PHE A 396 -13.01 -21.44 24.71
CA PHE A 396 -13.71 -20.20 25.05
C PHE A 396 -13.53 -19.26 23.85
N GLU A 397 -14.53 -19.22 22.97
CA GLU A 397 -14.48 -18.42 21.76
C GLU A 397 -15.68 -17.47 21.63
N VAL A 398 -15.41 -16.23 21.23
CA VAL A 398 -16.43 -15.22 21.09
C VAL A 398 -17.10 -15.24 19.72
N SER A 399 -16.40 -15.78 18.72
CA SER A 399 -16.95 -15.82 17.36
C SER A 399 -17.29 -17.22 16.84
N PRO A 400 -18.57 -17.44 16.48
CA PRO A 400 -19.07 -18.72 15.95
C PRO A 400 -18.26 -19.23 14.76
N LYS A 401 -17.68 -18.30 14.01
CA LYS A 401 -16.88 -18.64 12.85
C LYS A 401 -15.62 -19.42 13.19
N ASN A 402 -15.09 -19.20 14.40
CA ASN A 402 -13.89 -19.91 14.81
C ASN A 402 -14.14 -21.09 15.75
N ILE A 403 -15.38 -21.51 15.87
CA ILE A 403 -15.69 -22.65 16.72
C ILE A 403 -15.71 -23.89 15.83
N ASN A 404 -14.90 -24.88 16.20
CA ASN A 404 -14.80 -26.13 15.44
C ASN A 404 -14.42 -25.88 13.98
N LYS A 405 -13.57 -24.88 13.74
CA LYS A 405 -13.14 -24.58 12.38
C LYS A 405 -11.88 -25.39 12.04
N VAL A 406 -10.94 -25.47 12.98
CA VAL A 406 -9.69 -26.19 12.76
C VAL A 406 -9.67 -27.60 13.36
N VAL A 407 -10.15 -27.73 14.60
CA VAL A 407 -10.17 -29.04 15.22
C VAL A 407 -11.51 -29.23 15.91
N GLN A 408 -11.92 -30.48 16.05
CA GLN A 408 -13.17 -30.75 16.72
C GLN A 408 -12.93 -30.55 18.22
N THR A 409 -13.82 -29.81 18.87
CA THR A 409 -13.68 -29.58 20.30
C THR A 409 -14.81 -30.27 21.06
N GLN A 410 -14.54 -30.66 22.30
CA GLN A 410 -15.53 -31.35 23.11
C GLN A 410 -16.54 -30.38 23.71
N ILE A 411 -16.09 -29.20 24.10
CA ILE A 411 -16.98 -28.21 24.69
C ILE A 411 -16.61 -26.81 24.23
N ALA A 412 -17.58 -26.11 23.66
CA ALA A 412 -17.34 -24.75 23.21
C ALA A 412 -18.13 -23.81 24.10
N VAL A 413 -17.42 -22.93 24.80
CA VAL A 413 -18.05 -21.96 25.68
C VAL A 413 -18.08 -20.64 24.93
N GLU A 414 -19.24 -20.33 24.37
CA GLU A 414 -19.47 -19.13 23.58
C GLU A 414 -19.47 -17.83 24.36
N GLY A 415 -18.98 -16.77 23.74
CA GLY A 415 -18.96 -15.46 24.37
C GLY A 415 -17.62 -14.91 24.79
N ASP A 416 -17.63 -13.85 25.60
CA ASP A 416 -16.41 -13.23 26.10
C ASP A 416 -15.73 -14.23 27.05
N ALA A 417 -14.47 -14.54 26.77
CA ALA A 417 -13.72 -15.49 27.60
C ALA A 417 -13.61 -15.08 29.06
N THR A 418 -13.19 -13.85 29.30
CA THR A 418 -13.03 -13.37 30.67
C THR A 418 -14.33 -13.52 31.46
N THR A 419 -15.43 -13.06 30.87
CA THR A 419 -16.73 -13.14 31.50
C THR A 419 -17.10 -14.59 31.85
N ASN A 420 -16.79 -15.51 30.95
CA ASN A 420 -17.11 -16.91 31.19
C ASN A 420 -16.16 -17.59 32.18
N LEU A 421 -14.94 -17.07 32.31
CA LEU A 421 -14.00 -17.63 33.27
C LEU A 421 -14.48 -17.22 34.66
N GLY A 422 -15.03 -16.03 34.74
CA GLY A 422 -15.54 -15.53 36.01
C GLY A 422 -16.73 -16.34 36.50
N LYS A 423 -17.62 -16.69 35.58
CA LYS A 423 -18.80 -17.47 35.93
C LYS A 423 -18.46 -18.91 36.31
N MET A 424 -17.42 -19.45 35.70
CA MET A 424 -17.01 -20.82 35.93
C MET A 424 -16.14 -21.03 37.18
N MET A 425 -15.41 -19.99 37.58
CA MET A 425 -14.50 -20.08 38.71
C MET A 425 -14.99 -20.86 39.94
N SER A 426 -16.17 -20.52 40.43
CA SER A 426 -16.72 -21.18 41.62
C SER A 426 -16.95 -22.68 41.46
N LYS A 427 -17.10 -23.12 40.22
CA LYS A 427 -17.35 -24.53 39.95
C LYS A 427 -16.08 -25.36 39.80
N ILE A 428 -14.92 -24.69 39.83
CA ILE A 428 -13.64 -25.38 39.70
C ILE A 428 -13.14 -25.80 41.08
N PHE A 429 -12.83 -27.08 41.23
CA PHE A 429 -12.34 -27.61 42.50
C PHE A 429 -10.89 -27.19 42.73
N PRO A 430 -10.60 -26.57 43.89
CA PRO A 430 -9.22 -26.17 44.15
C PRO A 430 -8.34 -27.41 44.15
N VAL A 431 -7.18 -27.31 43.51
CA VAL A 431 -6.26 -28.43 43.43
C VAL A 431 -5.04 -28.19 44.31
N LYS A 432 -4.71 -29.17 45.14
CA LYS A 432 -3.57 -29.03 46.03
C LYS A 432 -2.27 -28.95 45.24
N GLU A 433 -2.05 -29.90 44.33
CA GLU A 433 -0.83 -29.92 43.54
C GLU A 433 -0.90 -30.97 42.43
N ARG A 434 0.02 -30.84 41.47
CA ARG A 434 0.13 -31.76 40.34
C ARG A 434 1.62 -32.03 40.22
N SER A 435 2.15 -32.79 41.17
CA SER A 435 3.57 -33.10 41.22
C SER A 435 4.15 -33.81 40.00
N GLU A 436 3.50 -34.90 39.57
CA GLU A 436 4.01 -35.62 38.41
C GLU A 436 4.05 -34.74 37.18
N TRP A 437 2.92 -34.10 36.89
CA TRP A 437 2.77 -33.22 35.74
C TRP A 437 3.82 -32.11 35.76
N PHE A 438 3.93 -31.41 36.89
CA PHE A 438 4.89 -30.32 37.03
C PHE A 438 6.32 -30.84 36.97
N ALA A 439 6.55 -32.02 37.52
CA ALA A 439 7.88 -32.60 37.51
C ALA A 439 8.26 -32.86 36.05
N GLN A 440 7.38 -33.52 35.31
CA GLN A 440 7.65 -33.82 33.91
C GLN A 440 7.95 -32.52 33.15
N ILE A 441 7.09 -31.52 33.34
CA ILE A 441 7.27 -30.23 32.67
C ILE A 441 8.61 -29.61 33.05
N ASN A 442 9.00 -29.73 34.32
CA ASN A 442 10.28 -29.16 34.74
C ASN A 442 11.48 -29.86 34.13
N LYS A 443 11.36 -31.15 33.86
CA LYS A 443 12.46 -31.88 33.25
C LYS A 443 12.65 -31.28 31.86
N TRP A 444 11.55 -31.06 31.16
CA TRP A 444 11.60 -30.46 29.82
C TRP A 444 12.22 -29.05 29.86
N LYS A 445 11.86 -28.27 30.86
CA LYS A 445 12.40 -26.91 30.99
C LYS A 445 13.92 -26.91 31.11
N LYS A 446 14.48 -27.91 31.76
CA LYS A 446 15.92 -28.01 31.94
C LYS A 446 16.55 -28.50 30.64
N GLU A 447 15.87 -29.43 29.96
CA GLU A 447 16.38 -30.00 28.72
C GLU A 447 16.25 -29.12 27.49
N TYR A 448 15.18 -28.31 27.43
CA TYR A 448 14.98 -27.49 26.24
C TYR A 448 14.88 -25.99 26.39
N PRO A 449 15.95 -25.33 26.85
CA PRO A 449 15.88 -23.88 26.98
C PRO A 449 16.06 -23.27 25.58
N TYR A 450 15.78 -21.98 25.44
CA TYR A 450 15.94 -21.32 24.14
C TYR A 450 17.44 -21.16 23.84
N ALA A 451 18.12 -22.28 23.62
CA ALA A 451 19.55 -22.25 23.35
C ALA A 451 19.93 -21.68 21.99
N TYR A 452 21.10 -21.07 21.91
CA TYR A 452 21.58 -20.50 20.66
C TYR A 452 23.09 -20.28 20.76
N MET A 453 23.71 -19.98 19.62
CA MET A 453 25.14 -19.74 19.58
C MET A 453 25.46 -18.36 20.13
N GLU A 454 25.97 -18.32 21.35
CA GLU A 454 26.31 -17.05 21.98
C GLU A 454 27.59 -16.45 21.42
N GLU A 455 27.84 -15.20 21.78
CA GLU A 455 29.04 -14.50 21.31
C GLU A 455 30.32 -15.24 21.66
N THR A 456 31.32 -15.09 20.79
CA THR A 456 32.63 -15.70 20.96
C THR A 456 33.63 -14.62 20.56
N PRO A 457 34.87 -14.70 21.06
CA PRO A 457 35.89 -13.70 20.72
C PRO A 457 35.92 -13.29 19.25
N GLY A 458 35.83 -11.98 19.02
CA GLY A 458 35.86 -11.46 17.66
C GLY A 458 34.61 -11.63 16.81
N SER A 459 33.64 -12.40 17.29
CA SER A 459 32.42 -12.64 16.52
C SER A 459 31.51 -11.42 16.55
N LYS A 460 30.50 -11.44 15.68
CA LYS A 460 29.54 -10.36 15.63
C LYS A 460 28.53 -10.55 16.76
N ILE A 461 27.80 -9.48 17.08
CA ILE A 461 26.80 -9.55 18.12
C ILE A 461 25.69 -10.51 17.69
N LYS A 462 25.19 -11.30 18.64
CA LYS A 462 24.12 -12.25 18.36
C LYS A 462 22.79 -11.55 18.58
N PRO A 463 21.85 -11.68 17.64
CA PRO A 463 20.54 -11.02 17.81
C PRO A 463 19.80 -11.42 19.08
N GLN A 464 19.83 -12.71 19.42
CA GLN A 464 19.15 -13.17 20.62
C GLN A 464 19.72 -12.49 21.86
N THR A 465 21.03 -12.27 21.88
CA THR A 465 21.68 -11.63 23.01
C THR A 465 21.20 -10.19 23.17
N VAL A 466 20.97 -9.51 22.05
CA VAL A 466 20.49 -8.13 22.10
C VAL A 466 19.12 -8.05 22.78
N ILE A 467 18.23 -8.96 22.43
CA ILE A 467 16.88 -8.98 23.01
C ILE A 467 16.97 -9.21 24.51
N LYS A 468 17.77 -10.19 24.92
CA LYS A 468 17.93 -10.49 26.34
C LYS A 468 18.38 -9.26 27.12
N LYS A 469 19.41 -8.60 26.61
CA LYS A 469 19.95 -7.42 27.26
C LYS A 469 19.00 -6.23 27.27
N LEU A 470 18.37 -5.98 26.14
CA LEU A 470 17.44 -4.85 26.05
C LEU A 470 16.25 -5.08 26.97
N SER A 471 15.80 -6.32 27.05
CA SER A 471 14.68 -6.67 27.90
C SER A 471 14.98 -6.25 29.33
N LYS A 472 16.16 -6.62 29.82
CA LYS A 472 16.56 -6.27 31.17
C LYS A 472 16.71 -4.77 31.34
N VAL A 473 17.44 -4.14 30.44
CA VAL A 473 17.65 -2.70 30.51
C VAL A 473 16.31 -1.94 30.53
N ALA A 474 15.43 -2.29 29.60
CA ALA A 474 14.12 -1.65 29.52
C ALA A 474 13.29 -1.90 30.77
N ASN A 475 13.28 -3.14 31.25
CA ASN A 475 12.53 -3.49 32.45
C ASN A 475 13.04 -2.73 33.67
N ASP A 476 14.36 -2.60 33.78
CA ASP A 476 14.95 -1.92 34.92
C ASP A 476 14.65 -0.44 35.05
N THR A 477 14.16 0.18 33.98
CA THR A 477 13.85 1.62 34.05
C THR A 477 12.65 1.84 34.97
N GLY A 478 11.83 0.81 35.14
CA GLY A 478 10.67 0.95 35.99
C GLY A 478 9.48 1.57 35.28
N ARG A 479 9.68 1.97 34.03
CA ARG A 479 8.62 2.60 33.24
C ARG A 479 7.72 1.54 32.59
N HIS A 480 6.58 1.98 32.05
CA HIS A 480 5.70 1.05 31.37
C HIS A 480 6.31 0.91 29.98
N VAL A 481 6.62 -0.33 29.60
CA VAL A 481 7.26 -0.61 28.33
C VAL A 481 6.36 -1.30 27.31
N ILE A 482 6.32 -0.75 26.10
CA ILE A 482 5.54 -1.32 25.02
C ILE A 482 6.50 -1.68 23.89
N VAL A 483 6.35 -2.89 23.35
CA VAL A 483 7.19 -3.37 22.28
C VAL A 483 6.44 -3.68 20.99
N THR A 484 6.92 -3.09 19.90
CA THR A 484 6.34 -3.32 18.59
C THR A 484 7.47 -3.95 17.79
N THR A 485 7.14 -4.66 16.71
CA THR A 485 8.16 -5.28 15.88
C THR A 485 7.77 -5.29 14.42
N GLY A 486 8.72 -5.69 13.60
CA GLY A 486 8.49 -5.83 12.18
C GLY A 486 8.16 -7.31 12.04
N VAL A 487 8.39 -7.88 10.87
CA VAL A 487 8.10 -9.28 10.65
C VAL A 487 9.33 -10.06 10.26
N GLY A 488 9.57 -11.18 10.92
CA GLY A 488 10.75 -11.98 10.62
C GLY A 488 11.41 -12.58 11.85
N GLN A 489 12.68 -12.93 11.69
CA GLN A 489 13.44 -13.53 12.78
C GLN A 489 13.53 -12.66 14.03
N HIS A 490 13.78 -11.38 13.83
CA HIS A 490 13.90 -10.46 14.97
C HIS A 490 12.60 -10.47 15.77
N GLN A 491 11.49 -10.66 15.07
CA GLN A 491 10.18 -10.71 15.67
C GLN A 491 10.07 -11.93 16.59
N MET A 492 10.50 -13.08 16.09
CA MET A 492 10.45 -14.30 16.87
C MET A 492 11.41 -14.25 18.06
N TRP A 493 12.62 -13.73 17.85
CA TRP A 493 13.56 -13.63 18.95
C TRP A 493 13.04 -12.67 20.02
N ALA A 494 12.33 -11.63 19.60
CA ALA A 494 11.78 -10.67 20.55
C ALA A 494 10.71 -11.40 21.36
N ALA A 495 9.97 -12.26 20.69
CA ALA A 495 8.92 -13.02 21.34
C ALA A 495 9.48 -14.04 22.32
N GLN A 496 10.54 -14.75 21.91
CA GLN A 496 11.15 -15.76 22.76
C GLN A 496 12.00 -15.25 23.91
N HIS A 497 12.89 -14.31 23.61
CA HIS A 497 13.82 -13.80 24.61
C HIS A 497 13.44 -12.63 25.50
N TRP A 498 12.32 -11.98 25.20
CA TRP A 498 11.89 -10.89 26.06
C TRP A 498 11.13 -11.53 27.23
N THR A 499 11.13 -10.90 28.39
CA THR A 499 10.39 -11.45 29.51
C THR A 499 9.07 -10.71 29.61
N TRP A 500 8.00 -11.37 29.15
CA TRP A 500 6.68 -10.76 29.14
C TRP A 500 5.96 -10.86 30.49
N ARG A 501 5.48 -9.72 30.97
CA ARG A 501 4.80 -9.68 32.25
C ARG A 501 3.53 -8.84 32.28
N ASN A 502 3.43 -7.83 31.42
CA ASN A 502 2.27 -6.96 31.41
C ASN A 502 1.38 -7.05 30.19
N PRO A 503 0.06 -6.92 30.38
CA PRO A 503 -0.91 -6.98 29.29
C PRO A 503 -0.78 -5.77 28.38
N HIS A 504 -0.99 -5.98 27.08
CA HIS A 504 -0.93 -4.90 26.10
C HIS A 504 0.47 -4.27 26.00
N THR A 505 1.51 -5.09 26.03
CA THR A 505 2.87 -4.57 25.92
C THR A 505 3.60 -5.15 24.70
N PHE A 506 2.95 -6.03 23.97
CA PHE A 506 3.55 -6.60 22.77
C PHE A 506 2.57 -6.38 21.62
N ILE A 507 2.96 -5.52 20.69
CA ILE A 507 2.14 -5.17 19.54
C ILE A 507 2.90 -5.64 18.31
N THR A 508 2.39 -6.69 17.67
CA THR A 508 3.08 -7.26 16.52
C THR A 508 2.09 -7.83 15.50
N SER A 509 2.50 -7.87 14.24
CA SER A 509 1.66 -8.41 13.17
C SER A 509 1.87 -9.92 13.05
N GLY A 510 0.83 -10.70 13.35
CA GLY A 510 0.99 -12.14 13.29
C GLY A 510 0.22 -12.88 12.22
N GLY A 511 -1.05 -12.53 12.03
CA GLY A 511 -1.86 -13.22 11.04
C GLY A 511 -1.45 -12.98 9.61
N LEU A 512 -1.34 -11.71 9.23
CA LEU A 512 -0.94 -11.36 7.87
C LEU A 512 0.58 -11.23 7.80
N GLY A 513 1.18 -10.82 8.92
CA GLY A 513 2.62 -10.68 8.98
C GLY A 513 3.12 -9.62 8.02
N THR A 514 2.76 -8.38 8.31
CA THR A 514 3.14 -7.26 7.45
C THR A 514 4.46 -6.59 7.78
N MET A 515 5.47 -6.76 6.94
CA MET A 515 6.75 -6.10 7.15
C MET A 515 6.49 -4.59 7.06
N GLY A 516 7.14 -3.82 7.92
CA GLY A 516 6.96 -2.38 7.90
C GLY A 516 5.99 -1.91 8.97
N TYR A 517 5.43 -2.86 9.70
CA TYR A 517 4.46 -2.58 10.76
C TYR A 517 5.10 -1.92 11.99
N GLY A 518 6.33 -2.32 12.28
CA GLY A 518 7.06 -1.83 13.45
C GLY A 518 7.09 -0.35 13.76
N LEU A 519 7.59 0.46 12.83
CA LEU A 519 7.70 1.89 13.04
C LEU A 519 6.36 2.61 13.25
N PRO A 520 5.43 2.49 12.28
CA PRO A 520 4.14 3.17 12.46
C PRO A 520 3.35 2.67 13.66
N ALA A 521 3.41 1.36 13.95
CA ALA A 521 2.68 0.84 15.10
C ALA A 521 3.21 1.49 16.38
N ALA A 522 4.52 1.66 16.44
CA ALA A 522 5.15 2.28 17.61
C ALA A 522 4.69 3.72 17.74
N ILE A 523 4.68 4.45 16.63
CA ILE A 523 4.24 5.83 16.65
C ILE A 523 2.81 5.92 17.18
N GLY A 524 1.94 5.04 16.68
CA GLY A 524 0.56 5.03 17.13
C GLY A 524 0.45 4.65 18.60
N ALA A 525 1.20 3.63 19.00
CA ALA A 525 1.20 3.16 20.39
C ALA A 525 1.69 4.27 21.32
N GLN A 526 2.65 5.06 20.87
CA GLN A 526 3.17 6.14 21.69
C GLN A 526 2.12 7.25 21.86
N VAL A 527 1.32 7.47 20.81
CA VAL A 527 0.27 8.48 20.89
C VAL A 527 -0.76 8.02 21.93
N ALA A 528 -1.04 6.71 21.93
CA ALA A 528 -2.00 6.14 22.86
C ALA A 528 -1.49 6.23 24.30
N LYS A 529 -0.20 5.96 24.49
CA LYS A 529 0.43 5.99 25.81
C LYS A 529 1.65 6.92 25.81
N PRO A 530 1.40 8.24 25.92
CA PRO A 530 2.46 9.24 25.93
C PRO A 530 3.57 9.06 26.96
N GLU A 531 3.25 8.42 28.08
CA GLU A 531 4.23 8.21 29.14
C GLU A 531 5.01 6.91 29.06
N SER A 532 4.67 6.04 28.13
CA SER A 532 5.36 4.75 28.02
C SER A 532 6.65 4.77 27.22
N LEU A 533 7.52 3.81 27.52
CA LEU A 533 8.77 3.66 26.80
C LEU A 533 8.36 2.72 25.67
N VAL A 534 8.30 3.25 24.45
CA VAL A 534 7.89 2.47 23.30
C VAL A 534 9.09 2.09 22.44
N ILE A 535 9.32 0.78 22.33
CA ILE A 535 10.43 0.26 21.56
C ILE A 535 10.01 -0.56 20.34
N ASP A 536 10.57 -0.21 19.19
CA ASP A 536 10.30 -0.92 17.96
C ASP A 536 11.48 -1.81 17.63
N ILE A 537 11.36 -3.09 17.95
CA ILE A 537 12.42 -4.05 17.65
C ILE A 537 12.15 -4.46 16.21
N ASP A 538 12.89 -3.84 15.29
CA ASP A 538 12.71 -4.06 13.86
C ASP A 538 13.82 -4.82 13.16
N GLY A 539 13.50 -5.27 11.95
CA GLY A 539 14.45 -5.97 11.10
C GLY A 539 14.85 -4.96 10.04
N ASP A 540 15.98 -5.15 9.38
CA ASP A 540 16.41 -4.20 8.36
C ASP A 540 15.51 -4.16 7.12
N ALA A 541 15.06 -5.32 6.67
CA ALA A 541 14.20 -5.35 5.49
C ALA A 541 12.82 -4.79 5.84
N SER A 542 12.30 -5.14 7.01
CA SER A 542 10.99 -4.64 7.42
C SER A 542 11.03 -3.13 7.55
N PHE A 543 12.05 -2.64 8.23
CA PHE A 543 12.21 -1.20 8.44
C PHE A 543 12.19 -0.40 7.13
N ASN A 544 12.81 -0.95 6.08
CA ASN A 544 12.87 -0.26 4.80
C ASN A 544 11.50 -0.01 4.19
N MET A 545 10.56 -0.92 4.45
CA MET A 545 9.21 -0.80 3.90
C MET A 545 8.55 0.53 4.24
N THR A 546 8.68 0.96 5.49
CA THR A 546 8.03 2.18 5.94
C THR A 546 8.92 3.22 6.62
N LEU A 547 10.22 3.18 6.36
CA LEU A 547 11.13 4.12 7.01
C LEU A 547 10.80 5.60 6.82
N THR A 548 9.97 5.92 5.83
CA THR A 548 9.63 7.32 5.62
C THR A 548 8.83 7.90 6.79
N GLU A 549 8.23 7.04 7.61
CA GLU A 549 7.44 7.52 8.74
C GLU A 549 8.30 8.06 9.89
N LEU A 550 9.62 8.03 9.74
CA LEU A 550 10.52 8.54 10.77
C LEU A 550 10.28 10.03 11.02
N SER A 551 10.05 10.77 9.94
CA SER A 551 9.79 12.20 10.09
C SER A 551 8.43 12.42 10.74
N SER A 552 7.52 11.47 10.55
CA SER A 552 6.19 11.56 11.14
C SER A 552 6.30 11.50 12.65
N ALA A 553 7.19 10.64 13.14
CA ALA A 553 7.42 10.48 14.57
C ALA A 553 7.86 11.82 15.15
N VAL A 554 8.76 12.50 14.44
CA VAL A 554 9.24 13.79 14.88
C VAL A 554 8.09 14.79 14.89
N GLN A 555 7.37 14.89 13.77
CA GLN A 555 6.25 15.81 13.68
C GLN A 555 5.15 15.50 14.70
N ALA A 556 5.02 14.24 15.09
CA ALA A 556 4.00 13.86 16.06
C ALA A 556 4.46 14.02 17.51
N GLY A 557 5.76 14.20 17.73
CA GLY A 557 6.26 14.35 19.07
C GLY A 557 6.28 13.04 19.85
N THR A 558 6.47 11.94 19.14
CA THR A 558 6.52 10.63 19.77
C THR A 558 7.97 10.14 19.90
N PRO A 559 8.51 10.18 21.12
CA PRO A 559 9.89 9.76 21.40
C PRO A 559 10.10 8.25 21.33
N VAL A 560 9.76 7.67 20.18
CA VAL A 560 9.92 6.24 19.98
C VAL A 560 11.40 5.84 19.87
N LYS A 561 11.72 4.64 20.36
CA LYS A 561 13.08 4.12 20.29
C LYS A 561 13.08 3.01 19.24
N ILE A 562 13.73 3.27 18.11
CA ILE A 562 13.78 2.30 17.02
C ILE A 562 15.04 1.44 17.07
N LEU A 563 14.85 0.13 17.19
CA LEU A 563 15.99 -0.79 17.24
C LEU A 563 16.02 -1.61 15.95
N ILE A 564 17.11 -1.52 15.22
CA ILE A 564 17.24 -2.28 13.98
C ILE A 564 18.27 -3.39 14.12
N LEU A 565 17.79 -4.64 14.11
CA LEU A 565 18.70 -5.77 14.19
C LEU A 565 19.06 -6.04 12.74
N ASN A 566 20.14 -5.41 12.30
CA ASN A 566 20.59 -5.51 10.93
C ASN A 566 21.48 -6.71 10.61
N ASN A 567 20.93 -7.64 9.85
CA ASN A 567 21.67 -8.82 9.42
C ASN A 567 21.82 -8.73 7.90
N GLU A 568 21.46 -7.58 7.34
CA GLU A 568 21.54 -7.33 5.90
C GLU A 568 20.93 -8.45 5.08
N GLU A 569 19.73 -8.87 5.48
CA GLU A 569 19.03 -9.94 4.81
C GLU A 569 17.59 -10.04 5.29
N GLN A 570 16.77 -10.77 4.53
CA GLN A 570 15.39 -11.03 4.89
C GLN A 570 15.50 -12.37 5.60
N GLY A 571 15.97 -12.30 6.85
CA GLY A 571 16.19 -13.47 7.68
C GLY A 571 15.24 -14.64 7.63
N MET A 572 13.95 -14.39 7.89
CA MET A 572 12.99 -15.49 7.91
C MET A 572 12.93 -16.21 6.58
N VAL A 573 13.11 -15.48 5.48
CA VAL A 573 13.08 -16.10 4.16
C VAL A 573 14.37 -16.85 3.87
N THR A 574 15.52 -16.25 4.19
CA THR A 574 16.78 -16.94 3.95
C THR A 574 16.78 -18.21 4.77
N GLN A 575 16.15 -18.18 5.94
CA GLN A 575 16.10 -19.36 6.78
C GLN A 575 15.38 -20.49 6.06
N TRP A 576 14.22 -20.21 5.48
CA TRP A 576 13.50 -21.24 4.74
C TRP A 576 14.29 -21.65 3.51
N GLN A 577 14.99 -20.69 2.91
CA GLN A 577 15.79 -21.00 1.74
C GLN A 577 16.98 -21.89 2.13
N SER A 578 17.48 -21.69 3.35
CA SER A 578 18.60 -22.48 3.86
C SER A 578 18.15 -23.92 4.13
N LEU A 579 16.99 -24.05 4.76
CA LEU A 579 16.46 -25.36 5.12
C LEU A 579 15.79 -26.17 4.02
N PHE A 580 15.01 -25.51 3.17
CA PHE A 580 14.29 -26.25 2.13
C PHE A 580 14.71 -26.03 0.69
N TYR A 581 15.60 -25.08 0.45
CA TYR A 581 16.03 -24.82 -0.91
C TYR A 581 17.55 -24.83 -1.04
N GLU A 582 18.17 -25.75 -0.29
CA GLU A 582 19.61 -25.95 -0.29
C GLU A 582 20.46 -24.70 -0.37
N HIS A 583 20.16 -23.74 0.50
CA HIS A 583 20.91 -22.50 0.58
C HIS A 583 20.91 -21.61 -0.66
N ARG A 584 19.88 -21.74 -1.48
CA ARG A 584 19.78 -20.93 -2.68
C ARG A 584 18.97 -19.68 -2.36
N TYR A 585 19.68 -18.60 -2.02
CA TYR A 585 19.05 -17.34 -1.66
C TYR A 585 18.68 -16.48 -2.86
N SER A 586 17.42 -16.60 -3.27
CA SER A 586 16.91 -15.87 -4.42
C SER A 586 16.34 -14.50 -4.06
N HIS A 587 17.07 -13.45 -4.43
CA HIS A 587 16.65 -12.08 -4.22
C HIS A 587 16.21 -11.73 -2.80
N THR A 588 16.88 -12.31 -1.80
CA THR A 588 16.52 -12.05 -0.42
C THR A 588 17.54 -11.19 0.32
N HIS A 589 18.34 -10.45 -0.44
CA HIS A 589 19.34 -9.56 0.15
C HIS A 589 19.22 -8.18 -0.48
N GLN A 590 18.63 -7.25 0.26
CA GLN A 590 18.46 -5.89 -0.24
C GLN A 590 19.55 -4.95 0.26
N LEU A 591 19.87 -3.95 -0.54
CA LEU A 591 20.91 -2.98 -0.20
C LEU A 591 20.33 -1.92 0.72
N ASN A 592 20.81 -1.88 1.96
CA ASN A 592 20.32 -0.90 2.95
C ASN A 592 21.02 0.43 2.86
N PRO A 593 20.34 1.50 3.29
CA PRO A 593 20.94 2.83 3.26
C PRO A 593 21.70 2.94 4.60
N ASP A 594 22.37 4.05 4.83
CA ASP A 594 23.07 4.26 6.08
C ASP A 594 21.97 4.65 7.06
N PHE A 595 21.56 3.72 7.91
CA PHE A 595 20.48 3.98 8.86
C PHE A 595 20.72 5.15 9.81
N ILE A 596 21.97 5.32 10.26
CA ILE A 596 22.30 6.40 11.16
C ILE A 596 22.19 7.77 10.47
N LYS A 597 22.66 7.84 9.23
CA LYS A 597 22.58 9.11 8.50
C LYS A 597 21.13 9.37 8.12
N LEU A 598 20.38 8.30 7.89
CA LEU A 598 18.97 8.41 7.53
C LEU A 598 18.22 8.99 8.72
N ALA A 599 18.51 8.45 9.90
CA ALA A 599 17.86 8.92 11.12
C ALA A 599 18.11 10.42 11.32
N GLU A 600 19.36 10.84 11.15
CA GLU A 600 19.71 12.24 11.33
C GLU A 600 19.03 13.13 10.29
N ALA A 601 18.90 12.63 9.07
CA ALA A 601 18.24 13.39 8.01
C ALA A 601 16.75 13.53 8.35
N MET A 602 16.19 12.51 9.00
CA MET A 602 14.79 12.49 9.39
C MET A 602 14.49 13.33 10.63
N GLY A 603 15.54 13.78 11.33
CA GLY A 603 15.32 14.61 12.51
C GLY A 603 15.50 13.99 13.89
N LEU A 604 15.98 12.76 13.96
CA LEU A 604 16.19 12.13 15.27
C LEU A 604 17.63 11.69 15.49
N LYS A 605 17.94 11.30 16.72
CA LYS A 605 19.28 10.84 17.05
C LYS A 605 19.52 9.46 16.47
N GLY A 606 20.72 9.25 15.93
CA GLY A 606 21.08 7.97 15.37
C GLY A 606 22.29 7.37 16.06
N LEU A 607 22.21 6.08 16.37
CA LEU A 607 23.30 5.39 17.04
C LEU A 607 23.57 4.05 16.38
N ARG A 608 24.84 3.67 16.33
CA ARG A 608 25.22 2.39 15.74
C ARG A 608 26.17 1.69 16.70
N VAL A 609 26.12 0.36 16.69
CA VAL A 609 26.99 -0.45 17.53
C VAL A 609 27.26 -1.73 16.78
N LYS A 610 28.53 -2.14 16.74
CA LYS A 610 28.91 -3.37 16.06
C LYS A 610 29.83 -4.22 16.91
N LYS A 611 30.43 -3.62 17.93
CA LYS A 611 31.34 -4.34 18.81
C LYS A 611 30.69 -4.81 20.11
N GLN A 612 30.86 -6.09 20.39
CA GLN A 612 30.31 -6.70 21.61
C GLN A 612 30.52 -5.85 22.86
N GLU A 613 31.73 -5.35 23.05
CA GLU A 613 32.06 -4.56 24.23
C GLU A 613 31.37 -3.21 24.34
N GLU A 614 30.62 -2.82 23.32
CA GLU A 614 29.93 -1.53 23.34
C GLU A 614 28.42 -1.65 23.43
N LEU A 615 27.91 -2.87 23.31
CA LEU A 615 26.47 -3.10 23.35
C LEU A 615 25.77 -2.56 24.60
N ASP A 616 26.26 -2.92 25.78
CA ASP A 616 25.63 -2.46 27.02
C ASP A 616 25.49 -0.94 27.11
N ALA A 617 26.58 -0.22 26.85
CA ALA A 617 26.55 1.24 26.91
C ALA A 617 25.56 1.83 25.90
N LYS A 618 25.56 1.29 24.69
CA LYS A 618 24.67 1.75 23.64
C LYS A 618 23.20 1.51 23.98
N LEU A 619 22.88 0.34 24.53
CA LEU A 619 21.50 0.04 24.89
C LEU A 619 21.07 1.02 25.98
N LYS A 620 21.98 1.32 26.89
CA LYS A 620 21.72 2.27 27.97
C LYS A 620 21.40 3.63 27.38
N GLU A 621 22.31 4.13 26.55
CA GLU A 621 22.12 5.44 25.92
C GLU A 621 20.82 5.46 25.13
N PHE A 622 20.56 4.35 24.42
CA PHE A 622 19.36 4.19 23.61
C PHE A 622 18.09 4.42 24.42
N VAL A 623 17.94 3.66 25.48
CA VAL A 623 16.77 3.74 26.36
C VAL A 623 16.61 5.08 27.10
N SER A 624 17.73 5.70 27.47
CA SER A 624 17.65 6.95 28.21
C SER A 624 17.64 8.23 27.37
N THR A 625 17.74 8.10 26.06
CA THR A 625 17.70 9.27 25.19
C THR A 625 16.31 9.88 25.29
N LYS A 626 16.23 11.21 25.40
CA LYS A 626 14.96 11.90 25.56
C LYS A 626 13.94 11.86 24.42
N GLY A 627 14.35 12.19 23.21
CA GLY A 627 13.40 12.18 22.11
C GLY A 627 13.41 10.89 21.31
N PRO A 628 12.99 10.94 20.04
CA PRO A 628 13.00 9.72 19.23
C PRO A 628 14.44 9.42 18.87
N VAL A 629 14.78 8.13 18.88
CA VAL A 629 16.14 7.74 18.56
C VAL A 629 16.15 6.38 17.85
N LEU A 630 17.13 6.21 16.95
CA LEU A 630 17.27 4.96 16.24
C LEU A 630 18.63 4.36 16.55
N LEU A 631 18.65 3.07 16.87
CA LEU A 631 19.88 2.37 17.18
C LEU A 631 20.01 1.14 16.29
N GLU A 632 21.05 1.10 15.48
CA GLU A 632 21.30 -0.04 14.61
C GLU A 632 22.35 -0.92 15.26
N VAL A 633 22.08 -2.22 15.27
CA VAL A 633 23.02 -3.17 15.84
C VAL A 633 23.37 -4.15 14.73
N GLU A 634 24.63 -4.18 14.35
CA GLU A 634 25.05 -5.11 13.32
C GLU A 634 25.05 -6.48 13.99
N VAL A 635 24.25 -7.39 13.48
CA VAL A 635 24.17 -8.72 14.08
C VAL A 635 24.62 -9.81 13.12
N ASP A 636 25.01 -10.96 13.67
CA ASP A 636 25.47 -12.07 12.86
C ASP A 636 24.40 -12.40 11.82
N LYS A 637 24.81 -13.07 10.75
CA LYS A 637 23.90 -13.41 9.65
C LYS A 637 23.63 -14.91 9.51
N LYS A 638 22.58 -15.24 8.77
CA LYS A 638 22.19 -16.62 8.54
C LYS A 638 22.08 -17.45 9.82
N VAL A 639 21.55 -16.83 10.87
CA VAL A 639 21.35 -17.48 12.16
C VAL A 639 19.88 -17.92 12.23
N PRO A 640 19.64 -19.25 12.26
CA PRO A 640 18.26 -19.72 12.32
C PRO A 640 17.54 -19.55 13.67
N VAL A 641 16.23 -19.35 13.59
CA VAL A 641 15.40 -19.22 14.78
C VAL A 641 15.00 -20.65 15.17
N LEU A 642 15.30 -21.04 16.40
CA LEU A 642 14.98 -22.38 16.87
C LEU A 642 14.39 -22.29 18.28
N PRO A 643 13.61 -23.30 18.70
CA PRO A 643 13.24 -24.50 17.95
C PRO A 643 12.35 -24.17 16.77
N MET A 644 12.11 -25.17 15.93
CA MET A 644 11.27 -24.98 14.76
C MET A 644 10.47 -26.22 14.39
N VAL A 645 9.19 -26.01 14.11
CA VAL A 645 8.28 -27.07 13.72
C VAL A 645 7.66 -26.59 12.41
N ALA A 646 7.89 -27.33 11.33
CA ALA A 646 7.35 -26.94 10.04
C ALA A 646 6.94 -28.16 9.22
N GLY A 647 6.30 -27.90 8.07
CA GLY A 647 5.87 -28.97 7.20
C GLY A 647 4.87 -29.92 7.85
N GLY A 648 5.15 -31.22 7.77
CA GLY A 648 4.26 -32.20 8.35
C GLY A 648 4.68 -32.64 9.73
N SER A 649 5.59 -31.87 10.35
CA SER A 649 6.06 -32.20 11.69
C SER A 649 5.00 -31.90 12.74
N GLY A 650 5.05 -32.63 13.84
CA GLY A 650 4.11 -32.41 14.93
C GLY A 650 4.76 -31.42 15.87
N LEU A 651 4.00 -30.82 16.78
CA LEU A 651 4.59 -29.86 17.70
C LEU A 651 5.76 -30.46 18.48
N ASP A 652 5.73 -31.77 18.67
CA ASP A 652 6.81 -32.44 19.40
C ASP A 652 7.92 -32.97 18.50
N GLU A 653 7.85 -32.67 17.20
CA GLU A 653 8.86 -33.11 16.24
C GLU A 653 9.63 -31.89 15.76
N PHE A 654 10.16 -31.13 16.71
CA PHE A 654 10.90 -29.91 16.44
C PHE A 654 12.39 -30.08 16.18
N ILE A 655 12.97 -29.07 15.54
CA ILE A 655 14.40 -29.03 15.26
C ILE A 655 14.95 -28.24 16.43
N ASN A 656 15.93 -28.80 17.12
CA ASN A 656 16.53 -28.16 18.28
C ASN A 656 17.88 -27.54 17.92
N PHE A 657 18.36 -26.62 18.75
CA PHE A 657 19.65 -25.97 18.49
C PHE A 657 20.81 -26.94 18.78
N ASP A 658 21.82 -26.91 17.91
CA ASP A 658 22.99 -27.76 18.06
C ASP A 658 24.18 -27.01 17.49
N PRO A 659 25.09 -26.53 18.36
CA PRO A 659 26.27 -25.79 17.93
C PRO A 659 27.10 -26.51 16.85
N GLU A 660 27.19 -27.83 16.95
CA GLU A 660 27.95 -28.60 15.98
C GLU A 660 27.29 -28.53 14.61
N VAL A 661 25.98 -28.74 14.60
CA VAL A 661 25.20 -28.70 13.36
C VAL A 661 25.25 -27.32 12.71
N GLU A 662 25.16 -26.26 13.53
CA GLU A 662 25.19 -24.90 12.99
C GLU A 662 26.52 -24.67 12.26
N ARG A 663 27.60 -25.18 12.85
CA ARG A 663 28.93 -25.03 12.27
C ARG A 663 29.03 -25.79 10.96
N GLN A 664 28.46 -26.99 10.92
CA GLN A 664 28.50 -27.77 9.69
C GLN A 664 27.64 -27.08 8.62
N GLN A 665 26.45 -26.62 9.02
CA GLN A 665 25.56 -25.95 8.08
C GLN A 665 26.18 -24.67 7.53
N THR A 666 27.01 -24.03 8.34
CA THR A 666 27.67 -22.80 7.91
C THR A 666 28.66 -23.13 6.79
N GLU A 667 29.44 -24.20 6.99
CA GLU A 667 30.41 -24.65 6.01
C GLU A 667 29.69 -24.97 4.71
N LEU A 668 28.61 -25.74 4.84
CA LEU A 668 27.81 -26.15 3.69
C LEU A 668 27.24 -24.94 2.93
N ARG A 669 26.92 -23.89 3.67
CA ARG A 669 26.37 -22.67 3.06
C ARG A 669 27.43 -21.94 2.23
N HIS A 670 28.61 -21.77 2.79
CA HIS A 670 29.69 -21.09 2.08
C HIS A 670 30.02 -21.76 0.75
N LYS A 671 29.92 -23.09 0.71
CA LYS A 671 30.20 -23.83 -0.50
C LYS A 671 29.08 -23.67 -1.52
N ARG A 672 27.86 -23.99 -1.11
CA ARG A 672 26.71 -23.90 -2.00
C ARG A 672 26.48 -22.52 -2.59
N THR A 673 26.78 -21.47 -1.84
CA THR A 673 26.58 -20.11 -2.34
C THR A 673 27.80 -19.55 -3.03
N GLY A 674 28.81 -20.38 -3.25
CA GLY A 674 30.01 -19.91 -3.90
C GLY A 674 30.69 -18.82 -3.09
N GLY A 675 30.61 -18.96 -1.76
CA GLY A 675 31.23 -17.99 -0.87
C GLY A 675 30.53 -16.64 -0.77
N LYS A 676 29.35 -16.52 -1.38
CA LYS A 676 28.61 -15.26 -1.33
C LYS A 676 27.97 -15.02 0.03
N HIS A 677 27.57 -16.10 0.70
CA HIS A 677 26.93 -16.01 2.01
C HIS A 677 27.39 -17.12 2.94
N ASP B 74 -0.19 -31.80 -31.25
CA ASP B 74 -1.27 -31.62 -30.24
C ASP B 74 -0.74 -31.50 -28.83
N MET B 75 -0.37 -32.63 -28.23
CA MET B 75 0.14 -32.63 -26.86
C MET B 75 1.60 -32.19 -26.80
N ASP B 76 1.97 -31.60 -25.66
CA ASP B 76 3.32 -31.12 -25.45
C ASP B 76 3.88 -31.74 -24.17
N THR B 77 5.17 -32.05 -24.18
CA THR B 77 5.82 -32.64 -23.01
C THR B 77 7.12 -31.94 -22.66
N SER B 78 7.37 -30.81 -23.32
CA SER B 78 8.58 -30.04 -23.08
C SER B 78 8.65 -29.55 -21.63
N PHE B 79 7.50 -29.55 -20.95
CA PHE B 79 7.44 -29.10 -19.56
C PHE B 79 7.32 -30.24 -18.56
N VAL B 80 6.99 -31.42 -19.04
CA VAL B 80 6.85 -32.58 -18.17
C VAL B 80 8.13 -32.76 -17.36
N GLY B 81 7.98 -33.00 -16.06
CA GLY B 81 9.13 -33.17 -15.21
C GLY B 81 9.57 -31.89 -14.53
N LEU B 82 8.98 -30.77 -14.95
CA LEU B 82 9.31 -29.48 -14.37
C LEU B 82 8.34 -29.06 -13.29
N THR B 83 8.79 -28.20 -12.39
CA THR B 83 7.93 -27.70 -11.32
C THR B 83 7.17 -26.50 -11.88
N GLY B 84 6.10 -26.11 -11.20
CA GLY B 84 5.33 -24.96 -11.66
C GLY B 84 6.26 -23.76 -11.73
N GLY B 85 7.17 -23.66 -10.78
CA GLY B 85 8.10 -22.55 -10.75
C GLY B 85 9.01 -22.54 -11.97
N GLN B 86 9.52 -23.71 -12.34
CA GLN B 86 10.40 -23.82 -13.49
C GLN B 86 9.63 -23.49 -14.76
N ILE B 87 8.38 -23.95 -14.82
CA ILE B 87 7.54 -23.67 -15.98
C ILE B 87 7.37 -22.16 -16.07
N PHE B 88 7.22 -21.51 -14.92
CA PHE B 88 7.07 -20.06 -14.87
C PHE B 88 8.29 -19.41 -15.49
N ASN B 89 9.48 -19.92 -15.13
CA ASN B 89 10.72 -19.38 -15.67
C ASN B 89 10.74 -19.50 -17.19
N GLU B 90 10.36 -20.67 -17.70
CA GLU B 90 10.32 -20.90 -19.14
C GLU B 90 9.32 -19.98 -19.83
N MET B 91 8.13 -19.85 -19.25
CA MET B 91 7.10 -19.00 -19.83
C MET B 91 7.51 -17.54 -19.96
N MET B 92 8.32 -17.04 -19.02
CA MET B 92 8.75 -15.65 -19.10
C MET B 92 9.56 -15.48 -20.38
N SER B 93 10.34 -16.50 -20.72
CA SER B 93 11.16 -16.48 -21.92
C SER B 93 10.27 -16.47 -23.16
N ARG B 94 9.30 -17.37 -23.16
CA ARG B 94 8.35 -17.49 -24.27
C ARG B 94 7.64 -16.15 -24.50
N GLN B 95 7.26 -15.49 -23.42
CA GLN B 95 6.57 -14.20 -23.53
C GLN B 95 7.54 -13.06 -23.80
N ASN B 96 8.80 -13.41 -24.00
CA ASN B 96 9.84 -12.42 -24.28
C ASN B 96 9.94 -11.37 -23.19
N VAL B 97 9.98 -11.83 -21.93
CA VAL B 97 10.08 -10.92 -20.80
C VAL B 97 11.55 -10.75 -20.47
N ASP B 98 12.02 -9.51 -20.40
CA ASP B 98 13.41 -9.27 -20.10
C ASP B 98 13.64 -8.63 -18.74
N THR B 99 12.55 -8.38 -18.02
CA THR B 99 12.66 -7.78 -16.69
C THR B 99 11.47 -8.15 -15.81
N VAL B 100 11.77 -8.49 -14.56
CA VAL B 100 10.74 -8.84 -13.58
C VAL B 100 10.96 -8.02 -12.32
N PHE B 101 9.92 -7.34 -11.86
CA PHE B 101 9.99 -6.53 -10.64
C PHE B 101 9.28 -7.31 -9.54
N GLY B 102 9.94 -7.50 -8.40
CA GLY B 102 9.29 -8.24 -7.34
C GLY B 102 9.96 -8.23 -5.98
N TYR B 103 9.35 -8.94 -5.05
CA TYR B 103 9.85 -9.04 -3.69
C TYR B 103 9.48 -10.44 -3.20
N PRO B 104 10.48 -11.23 -2.75
CA PRO B 104 10.21 -12.59 -2.29
C PRO B 104 9.36 -12.72 -1.02
N GLY B 105 8.86 -13.92 -0.79
CA GLY B 105 8.06 -14.19 0.38
C GLY B 105 7.85 -15.69 0.48
N GLY B 106 7.30 -16.14 1.60
CA GLY B 106 7.08 -17.56 1.80
C GLY B 106 6.31 -18.28 0.71
N ALA B 107 5.04 -17.91 0.54
CA ALA B 107 4.17 -18.54 -0.45
C ALA B 107 4.72 -18.61 -1.87
N ILE B 108 5.49 -17.61 -2.27
CA ILE B 108 6.02 -17.58 -3.62
C ILE B 108 7.44 -18.17 -3.73
N LEU B 109 7.91 -18.84 -2.69
CA LEU B 109 9.24 -19.42 -2.68
C LEU B 109 9.53 -20.42 -3.83
N PRO B 110 8.58 -21.32 -4.12
CA PRO B 110 8.79 -22.28 -5.20
C PRO B 110 9.17 -21.63 -6.54
N VAL B 111 8.67 -20.42 -6.77
CA VAL B 111 8.97 -19.70 -8.01
C VAL B 111 10.30 -18.98 -7.93
N TYR B 112 10.60 -18.39 -6.77
CA TYR B 112 11.86 -17.69 -6.61
C TYR B 112 13.05 -18.63 -6.69
N ASP B 113 12.82 -19.90 -6.35
CA ASP B 113 13.89 -20.88 -6.40
C ASP B 113 14.14 -21.28 -7.85
N ALA B 114 13.08 -21.30 -8.64
CA ALA B 114 13.17 -21.67 -10.05
C ALA B 114 13.81 -20.57 -10.90
N ILE B 115 13.68 -19.32 -10.46
CA ILE B 115 14.27 -18.23 -11.22
C ILE B 115 15.59 -17.78 -10.60
N HIS B 116 16.09 -18.56 -9.66
CA HIS B 116 17.36 -18.24 -9.01
C HIS B 116 18.47 -18.20 -10.06
N ASN B 117 19.19 -17.08 -10.12
CA ASN B 117 20.26 -16.89 -11.08
C ASN B 117 19.78 -17.21 -12.49
N SER B 118 18.54 -16.85 -12.79
CA SER B 118 17.98 -17.11 -14.12
C SER B 118 18.63 -16.19 -15.14
N ASP B 119 18.86 -16.73 -16.33
CA ASP B 119 19.46 -15.97 -17.42
C ASP B 119 18.37 -15.54 -18.39
N LYS B 120 17.14 -15.97 -18.10
CA LYS B 120 16.00 -15.64 -18.94
C LYS B 120 15.63 -14.15 -18.91
N PHE B 121 15.91 -13.48 -17.79
CA PHE B 121 15.57 -12.07 -17.64
C PHE B 121 16.27 -11.45 -16.44
N ASN B 122 16.17 -10.13 -16.32
CA ASN B 122 16.77 -9.41 -15.20
C ASN B 122 15.73 -9.21 -14.11
N PHE B 123 16.19 -9.08 -12.87
CA PHE B 123 15.30 -8.89 -11.74
C PHE B 123 15.58 -7.57 -11.02
N VAL B 124 14.53 -6.83 -10.73
CA VAL B 124 14.66 -5.56 -10.02
C VAL B 124 13.96 -5.71 -8.67
N LEU B 125 14.71 -5.46 -7.60
CA LEU B 125 14.20 -5.59 -6.24
C LEU B 125 14.01 -4.24 -5.56
N PRO B 126 12.77 -3.93 -5.14
CA PRO B 126 12.46 -2.67 -4.47
C PRO B 126 12.49 -2.88 -2.96
N LYS B 127 12.16 -1.85 -2.20
CA LYS B 127 12.12 -1.97 -0.75
C LYS B 127 10.69 -2.24 -0.29
N HIS B 128 9.75 -1.99 -1.19
CA HIS B 128 8.32 -2.17 -0.92
C HIS B 128 7.61 -2.62 -2.21
N GLU B 129 6.63 -3.51 -2.09
CA GLU B 129 5.92 -3.98 -3.29
C GLU B 129 5.22 -2.88 -4.08
N GLN B 130 4.83 -1.80 -3.41
CA GLN B 130 4.18 -0.70 -4.11
C GLN B 130 5.21 -0.19 -5.12
N GLY B 131 6.48 -0.18 -4.69
CA GLY B 131 7.55 0.25 -5.55
C GLY B 131 7.64 -0.62 -6.79
N ALA B 132 7.56 -1.94 -6.58
CA ALA B 132 7.64 -2.88 -7.69
C ALA B 132 6.55 -2.58 -8.70
N GLY B 133 5.31 -2.42 -8.20
CA GLY B 133 4.19 -2.13 -9.07
C GLY B 133 4.39 -0.87 -9.91
N HIS B 134 4.81 0.22 -9.26
CA HIS B 134 5.04 1.47 -9.97
C HIS B 134 6.24 1.39 -10.89
N MET B 135 7.24 0.59 -10.51
CA MET B 135 8.43 0.42 -11.33
C MET B 135 8.02 -0.29 -12.62
N ALA B 136 7.11 -1.26 -12.49
CA ALA B 136 6.65 -2.01 -13.65
C ALA B 136 5.79 -1.12 -14.55
N GLU B 137 5.08 -0.16 -13.96
CA GLU B 137 4.24 0.73 -14.75
C GLU B 137 5.14 1.67 -15.56
N GLY B 138 6.18 2.19 -14.91
CA GLY B 138 7.10 3.08 -15.59
C GLY B 138 7.77 2.33 -16.74
N TYR B 139 8.19 1.11 -16.47
CA TYR B 139 8.83 0.25 -17.45
C TYR B 139 7.91 0.06 -18.65
N ALA B 140 6.66 -0.26 -18.38
CA ALA B 140 5.68 -0.48 -19.43
C ALA B 140 5.45 0.78 -20.27
N ARG B 141 5.30 1.91 -19.59
CA ARG B 141 5.08 3.19 -20.27
C ARG B 141 6.20 3.58 -21.24
N ALA B 142 7.43 3.25 -20.91
CA ALA B 142 8.56 3.60 -21.74
C ALA B 142 9.01 2.56 -22.76
N SER B 143 8.72 1.29 -22.49
CA SER B 143 9.13 0.23 -23.40
C SER B 143 8.02 -0.25 -24.33
N GLY B 144 6.78 -0.15 -23.87
CA GLY B 144 5.67 -0.60 -24.69
C GLY B 144 5.39 -2.07 -24.40
N LYS B 145 6.21 -2.67 -23.54
CA LYS B 145 6.04 -4.06 -23.15
C LYS B 145 5.32 -4.13 -21.82
N PRO B 146 4.64 -5.25 -21.52
CA PRO B 146 3.93 -5.34 -20.25
C PRO B 146 4.90 -5.41 -19.06
N GLY B 147 4.52 -4.79 -17.94
CA GLY B 147 5.35 -4.82 -16.75
C GLY B 147 5.01 -6.07 -15.94
N VAL B 148 6.03 -6.85 -15.58
CA VAL B 148 5.80 -8.08 -14.83
C VAL B 148 6.20 -7.95 -13.36
N VAL B 149 5.25 -8.25 -12.48
CA VAL B 149 5.43 -8.16 -11.04
C VAL B 149 5.30 -9.54 -10.39
N LEU B 150 6.20 -9.84 -9.46
CA LEU B 150 6.19 -11.13 -8.78
C LEU B 150 6.33 -10.92 -7.26
N VAL B 151 5.22 -11.07 -6.54
CA VAL B 151 5.22 -10.88 -5.10
C VAL B 151 4.63 -12.06 -4.35
N THR B 152 4.75 -12.04 -3.02
CA THR B 152 4.24 -13.15 -2.21
C THR B 152 2.77 -12.97 -1.84
N SER B 153 2.24 -13.90 -1.06
CA SER B 153 0.84 -13.83 -0.64
C SER B 153 0.60 -12.78 0.44
N GLY B 154 -0.65 -12.69 0.88
CA GLY B 154 -1.01 -11.76 1.92
C GLY B 154 -0.59 -10.32 1.73
N PRO B 155 0.26 -9.79 2.62
CA PRO B 155 0.72 -8.40 2.55
C PRO B 155 1.46 -8.06 1.25
N GLY B 156 2.14 -9.05 0.67
CA GLY B 156 2.84 -8.83 -0.57
C GLY B 156 1.81 -8.49 -1.65
N ALA B 157 0.70 -9.22 -1.64
CA ALA B 157 -0.36 -9.01 -2.61
C ALA B 157 -1.14 -7.72 -2.37
N THR B 158 -1.55 -7.47 -1.13
CA THR B 158 -2.31 -6.27 -0.85
C THR B 158 -1.49 -4.99 -1.05
N ASN B 159 -0.18 -5.09 -0.89
CA ASN B 159 0.69 -3.93 -1.09
C ASN B 159 0.79 -3.52 -2.56
N VAL B 160 0.28 -4.36 -3.45
CA VAL B 160 0.34 -4.05 -4.87
C VAL B 160 -1.00 -3.56 -5.42
N VAL B 161 -1.99 -3.44 -4.53
CA VAL B 161 -3.31 -2.98 -4.94
C VAL B 161 -3.31 -1.57 -5.56
N THR B 162 -2.59 -0.64 -4.95
CA THR B 162 -2.55 0.72 -5.49
C THR B 162 -1.99 0.74 -6.91
N PRO B 163 -0.85 0.07 -7.14
CA PRO B 163 -0.28 0.06 -8.50
C PRO B 163 -1.23 -0.54 -9.53
N MET B 164 -1.98 -1.57 -9.13
CA MET B 164 -2.94 -2.19 -10.04
C MET B 164 -4.09 -1.22 -10.32
N ALA B 165 -4.60 -0.59 -9.28
CA ALA B 165 -5.69 0.37 -9.44
C ALA B 165 -5.23 1.52 -10.32
N ASP B 166 -3.96 1.90 -10.16
CA ASP B 166 -3.38 2.97 -10.93
C ASP B 166 -3.21 2.59 -12.40
N ALA B 167 -2.70 1.37 -12.63
CA ALA B 167 -2.48 0.88 -13.98
C ALA B 167 -3.84 0.66 -14.68
N PHE B 168 -4.85 0.34 -13.88
CA PHE B 168 -6.19 0.10 -14.39
C PHE B 168 -6.79 1.42 -14.89
N ALA B 169 -6.56 2.48 -14.14
CA ALA B 169 -7.09 3.79 -14.49
C ALA B 169 -6.44 4.39 -15.74
N ASP B 170 -5.11 4.27 -15.86
CA ASP B 170 -4.40 4.82 -17.01
C ASP B 170 -4.19 3.83 -18.16
N GLY B 171 -4.77 2.63 -18.05
CA GLY B 171 -4.64 1.64 -19.10
C GLY B 171 -3.22 1.19 -19.39
N ILE B 172 -2.52 0.71 -18.37
CA ILE B 172 -1.14 0.25 -18.52
C ILE B 172 -1.03 -1.27 -18.45
N PRO B 173 -0.34 -1.88 -19.43
CA PRO B 173 -0.17 -3.34 -19.48
C PRO B 173 0.70 -3.83 -18.33
N MET B 174 0.13 -4.70 -17.50
CA MET B 174 0.85 -5.21 -16.34
C MET B 174 0.33 -6.58 -15.95
N VAL B 175 1.25 -7.51 -15.68
CA VAL B 175 0.89 -8.85 -15.27
C VAL B 175 1.44 -9.07 -13.86
N VAL B 176 0.54 -9.10 -12.90
CA VAL B 176 0.92 -9.28 -11.50
C VAL B 176 0.79 -10.72 -11.07
N PHE B 177 1.89 -11.32 -10.64
CA PHE B 177 1.91 -12.70 -10.17
C PHE B 177 2.03 -12.64 -8.66
N THR B 178 1.06 -13.21 -7.96
CA THR B 178 1.09 -13.21 -6.50
C THR B 178 1.11 -14.63 -5.95
N GLY B 179 2.06 -14.90 -5.06
CA GLY B 179 2.14 -16.21 -4.46
C GLY B 179 0.92 -16.33 -3.57
N GLN B 180 0.44 -17.55 -3.35
CA GLN B 180 -0.73 -17.78 -2.51
C GLN B 180 -0.45 -19.00 -1.66
N VAL B 181 -1.10 -19.09 -0.49
CA VAL B 181 -0.91 -20.23 0.39
C VAL B 181 -1.36 -21.48 -0.35
N PRO B 182 -0.89 -22.67 0.07
CA PRO B 182 -1.31 -23.90 -0.62
C PRO B 182 -2.82 -24.08 -0.66
N THR B 183 -3.32 -24.60 -1.78
CA THR B 183 -4.75 -24.81 -1.98
C THR B 183 -5.42 -25.55 -0.83
N SER B 184 -4.68 -26.39 -0.13
CA SER B 184 -5.22 -27.15 0.99
C SER B 184 -5.34 -26.27 2.24
N ALA B 185 -4.90 -25.01 2.14
CA ALA B 185 -4.97 -24.08 3.25
C ALA B 185 -5.91 -22.93 2.95
N ILE B 186 -6.25 -22.75 1.68
CA ILE B 186 -7.14 -21.67 1.26
C ILE B 186 -8.49 -21.78 1.95
N GLY B 187 -8.97 -20.64 2.46
CA GLY B 187 -10.26 -20.62 3.13
C GLY B 187 -10.22 -21.02 4.60
N THR B 188 -9.03 -21.11 5.17
CA THR B 188 -8.90 -21.50 6.57
C THR B 188 -8.31 -20.39 7.40
N ASP B 189 -8.22 -19.19 6.83
CA ASP B 189 -7.62 -18.05 7.52
C ASP B 189 -6.17 -18.45 7.80
N ALA B 190 -5.54 -19.05 6.79
CA ALA B 190 -4.17 -19.50 6.88
C ALA B 190 -3.18 -18.35 7.00
N PHE B 191 -1.97 -18.69 7.41
CA PHE B 191 -0.89 -17.71 7.57
C PHE B 191 -0.66 -16.95 6.27
N GLN B 192 -0.74 -15.62 6.36
CA GLN B 192 -0.53 -14.75 5.21
C GLN B 192 -1.46 -15.02 4.02
N GLU B 193 -2.69 -15.44 4.33
CA GLU B 193 -3.67 -15.69 3.28
C GLU B 193 -4.58 -14.49 3.08
N ALA B 194 -4.94 -14.23 1.82
CA ALA B 194 -5.82 -13.12 1.50
C ALA B 194 -6.60 -13.47 0.25
N ASP B 195 -7.84 -12.98 0.18
CA ASP B 195 -8.67 -13.23 -0.99
C ASP B 195 -8.23 -12.21 -2.04
N VAL B 196 -7.06 -12.46 -2.64
CA VAL B 196 -6.50 -11.56 -3.62
C VAL B 196 -7.34 -11.45 -4.90
N VAL B 197 -7.93 -12.55 -5.34
CA VAL B 197 -8.74 -12.53 -6.53
C VAL B 197 -9.95 -11.62 -6.30
N GLY B 198 -10.51 -11.67 -5.10
CA GLY B 198 -11.65 -10.83 -4.77
C GLY B 198 -11.26 -9.37 -4.64
N ILE B 199 -10.19 -9.11 -3.91
CA ILE B 199 -9.72 -7.75 -3.69
C ILE B 199 -9.40 -7.03 -5.01
N SER B 200 -8.73 -7.71 -5.92
CA SER B 200 -8.33 -7.12 -7.19
C SER B 200 -9.31 -7.22 -8.35
N ARG B 201 -10.52 -7.75 -8.12
CA ARG B 201 -11.48 -7.87 -9.21
C ARG B 201 -11.77 -6.53 -9.88
N SER B 202 -12.04 -5.50 -9.08
CA SER B 202 -12.35 -4.18 -9.64
C SER B 202 -11.17 -3.40 -10.20
N CYS B 203 -9.95 -3.80 -9.88
CA CYS B 203 -8.80 -3.08 -10.42
C CYS B 203 -7.91 -3.90 -11.35
N THR B 204 -8.52 -4.86 -12.04
CA THR B 204 -7.80 -5.68 -13.01
C THR B 204 -8.76 -6.03 -14.14
N LYS B 205 -8.24 -6.06 -15.37
CA LYS B 205 -9.07 -6.41 -16.50
C LYS B 205 -9.52 -7.85 -16.36
N TRP B 206 -8.69 -8.65 -15.70
CA TRP B 206 -8.97 -10.07 -15.51
C TRP B 206 -7.98 -10.65 -14.50
N ASN B 207 -8.43 -11.63 -13.73
CA ASN B 207 -7.56 -12.29 -12.78
C ASN B 207 -7.98 -13.73 -12.63
N VAL B 208 -7.15 -14.54 -12.00
CA VAL B 208 -7.46 -15.95 -11.84
C VAL B 208 -6.55 -16.59 -10.82
N MET B 209 -6.94 -17.76 -10.34
CA MET B 209 -6.13 -18.51 -9.40
C MET B 209 -5.84 -19.84 -10.07
N VAL B 210 -4.57 -20.12 -10.32
CA VAL B 210 -4.16 -21.36 -10.96
C VAL B 210 -4.39 -22.52 -10.00
N LYS B 211 -5.27 -23.44 -10.38
CA LYS B 211 -5.59 -24.58 -9.53
C LYS B 211 -4.68 -25.79 -9.71
N SER B 212 -3.94 -25.84 -10.82
CA SER B 212 -3.04 -26.96 -11.08
C SER B 212 -1.91 -26.57 -12.01
N VAL B 213 -0.78 -27.24 -11.87
CA VAL B 213 0.37 -26.94 -12.71
C VAL B 213 0.06 -27.18 -14.19
N GLU B 214 -0.89 -28.08 -14.48
CA GLU B 214 -1.28 -28.36 -15.87
C GLU B 214 -1.78 -27.11 -16.58
N GLU B 215 -2.52 -26.27 -15.87
CA GLU B 215 -3.08 -25.06 -16.46
C GLU B 215 -2.22 -23.82 -16.30
N LEU B 216 -1.05 -23.96 -15.69
CA LEU B 216 -0.19 -22.81 -15.48
C LEU B 216 0.23 -22.14 -16.80
N PRO B 217 0.69 -22.92 -17.80
CA PRO B 217 1.10 -22.32 -19.07
C PRO B 217 -0.07 -21.57 -19.71
N LEU B 218 -1.25 -22.19 -19.66
CA LEU B 218 -2.45 -21.60 -20.22
C LEU B 218 -2.78 -20.25 -19.60
N ARG B 219 -2.90 -20.23 -18.28
CA ARG B 219 -3.22 -19.00 -17.55
C ARG B 219 -2.22 -17.89 -17.81
N ILE B 220 -0.94 -18.23 -17.84
CA ILE B 220 0.09 -17.22 -18.10
C ILE B 220 -0.12 -16.61 -19.49
N ASN B 221 -0.40 -17.46 -20.48
CA ASN B 221 -0.62 -16.96 -21.83
C ASN B 221 -1.86 -16.07 -21.94
N GLU B 222 -2.93 -16.45 -21.24
CA GLU B 222 -4.16 -15.65 -21.27
C GLU B 222 -3.89 -14.28 -20.63
N ALA B 223 -3.17 -14.30 -19.52
CA ALA B 223 -2.83 -13.08 -18.79
C ALA B 223 -2.13 -12.06 -19.66
N PHE B 224 -1.05 -12.47 -20.31
CA PHE B 224 -0.29 -11.56 -21.17
C PHE B 224 -1.12 -11.10 -22.36
N GLU B 225 -1.90 -12.01 -22.93
CA GLU B 225 -2.74 -11.65 -24.07
C GLU B 225 -3.74 -10.58 -23.66
N ILE B 226 -4.44 -10.84 -22.55
CA ILE B 226 -5.43 -9.91 -22.06
C ILE B 226 -4.84 -8.56 -21.65
N ALA B 227 -3.70 -8.60 -20.97
CA ALA B 227 -3.05 -7.37 -20.51
C ALA B 227 -2.61 -6.48 -21.67
N THR B 228 -2.34 -7.08 -22.82
CA THR B 228 -1.87 -6.32 -23.97
C THR B 228 -2.87 -6.05 -25.09
N SER B 229 -4.06 -6.63 -25.02
CA SER B 229 -5.06 -6.42 -26.07
C SER B 229 -6.09 -5.36 -25.68
N GLY B 230 -6.94 -5.00 -26.63
CA GLY B 230 -7.97 -3.99 -26.38
C GLY B 230 -7.30 -2.80 -25.75
N ARG B 231 -7.83 -2.32 -24.64
CA ARG B 231 -7.20 -1.21 -23.93
C ARG B 231 -6.27 -1.91 -22.95
N PRO B 232 -4.95 -1.68 -23.08
CA PRO B 232 -4.01 -2.35 -22.17
C PRO B 232 -4.40 -2.13 -20.71
N GLY B 233 -4.14 -3.13 -19.88
CA GLY B 233 -4.48 -3.00 -18.47
C GLY B 233 -3.79 -4.02 -17.60
N PRO B 234 -4.01 -3.98 -16.28
CA PRO B 234 -3.39 -4.95 -15.36
C PRO B 234 -4.19 -6.23 -15.21
N VAL B 235 -3.49 -7.34 -15.02
CA VAL B 235 -4.13 -8.63 -14.81
C VAL B 235 -3.40 -9.28 -13.65
N LEU B 236 -4.07 -10.16 -12.92
CA LEU B 236 -3.45 -10.82 -11.78
C LEU B 236 -3.59 -12.32 -11.84
N VAL B 237 -2.51 -13.03 -11.55
CA VAL B 237 -2.52 -14.48 -11.56
C VAL B 237 -2.05 -14.98 -10.20
N ASP B 238 -2.99 -15.52 -9.43
CA ASP B 238 -2.74 -16.04 -8.09
C ASP B 238 -2.11 -17.44 -8.20
N LEU B 239 -0.95 -17.63 -7.60
CA LEU B 239 -0.23 -18.92 -7.67
C LEU B 239 -0.09 -19.67 -6.36
N PRO B 240 -0.95 -20.67 -6.11
CA PRO B 240 -0.86 -21.44 -4.86
C PRO B 240 0.50 -22.12 -4.73
N LYS B 241 1.10 -22.04 -3.54
CA LYS B 241 2.41 -22.63 -3.30
C LYS B 241 2.53 -24.10 -3.71
N ASP B 242 1.48 -24.88 -3.48
CA ASP B 242 1.54 -26.29 -3.83
C ASP B 242 1.47 -26.52 -5.34
N VAL B 243 0.96 -25.53 -6.08
CA VAL B 243 0.87 -25.63 -7.52
C VAL B 243 2.22 -25.31 -8.17
N THR B 244 2.88 -24.26 -7.69
CA THR B 244 4.19 -23.89 -8.23
C THR B 244 5.28 -24.87 -7.79
N ALA B 245 5.02 -25.63 -6.74
CA ALA B 245 5.99 -26.60 -6.25
C ALA B 245 5.73 -27.96 -6.91
N ALA B 246 4.51 -28.13 -7.43
CA ALA B 246 4.13 -29.38 -8.08
C ALA B 246 4.91 -29.62 -9.36
N ILE B 247 5.14 -30.89 -9.68
CA ILE B 247 5.87 -31.27 -10.89
C ILE B 247 4.89 -31.77 -11.95
N LEU B 248 4.97 -31.22 -13.15
CA LEU B 248 4.08 -31.63 -14.24
C LEU B 248 4.39 -33.07 -14.65
N ARG B 249 3.41 -33.95 -14.45
CA ARG B 249 3.58 -35.36 -14.78
C ARG B 249 3.03 -35.72 -16.16
N ASN B 250 1.85 -35.19 -16.47
CA ASN B 250 1.20 -35.48 -17.75
C ASN B 250 1.43 -34.41 -18.82
N PRO B 251 1.38 -34.81 -20.09
CA PRO B 251 1.58 -33.89 -21.20
C PRO B 251 0.38 -32.95 -21.30
N ILE B 252 0.59 -31.75 -21.80
CA ILE B 252 -0.51 -30.78 -21.92
C ILE B 252 -0.65 -30.26 -23.34
N PRO B 253 -1.85 -29.80 -23.71
CA PRO B 253 -2.11 -29.26 -25.04
C PRO B 253 -1.08 -28.21 -25.44
N THR B 254 -0.46 -28.40 -26.60
CA THR B 254 0.55 -27.48 -27.11
C THR B 254 -0.04 -26.11 -27.40
N LYS B 255 -1.34 -26.08 -27.70
CA LYS B 255 -2.03 -24.83 -27.99
C LYS B 255 -2.07 -23.92 -26.77
N THR B 256 -1.98 -24.52 -25.58
CA THR B 256 -2.01 -23.78 -24.33
C THR B 256 -0.63 -23.49 -23.76
N THR B 257 0.41 -23.74 -24.55
CA THR B 257 1.77 -23.51 -24.10
C THR B 257 2.48 -22.42 -24.92
N LEU B 258 1.91 -22.10 -26.07
CA LEU B 258 2.49 -21.08 -26.95
C LEU B 258 1.67 -19.79 -26.90
N PRO B 259 2.36 -18.64 -26.80
CA PRO B 259 1.72 -17.32 -26.76
C PRO B 259 0.68 -17.11 -27.85
N GLN B 271 -19.47 -7.25 -39.31
CA GLN B 271 -18.94 -6.40 -38.25
C GLN B 271 -17.87 -5.46 -38.78
N ASP B 272 -16.99 -6.00 -39.63
CA ASP B 272 -15.91 -5.22 -40.22
C ASP B 272 -16.53 -4.12 -41.10
N GLU B 273 -17.68 -4.43 -41.67
CA GLU B 273 -18.39 -3.49 -42.53
C GLU B 273 -18.80 -2.22 -41.78
N PHE B 274 -19.47 -2.40 -40.64
CA PHE B 274 -19.92 -1.27 -39.84
C PHE B 274 -18.77 -0.31 -39.53
N VAL B 275 -17.58 -0.87 -39.34
CA VAL B 275 -16.41 -0.05 -39.04
C VAL B 275 -16.04 0.77 -40.26
N MET B 276 -15.93 0.11 -41.41
CA MET B 276 -15.59 0.78 -42.66
C MET B 276 -16.59 1.88 -42.97
N GLN B 277 -17.86 1.61 -42.70
CA GLN B 277 -18.91 2.59 -42.95
C GLN B 277 -18.70 3.84 -42.11
N SER B 278 -18.23 3.66 -40.88
CA SER B 278 -17.98 4.76 -39.97
C SER B 278 -16.73 5.53 -40.42
N ILE B 279 -15.77 4.80 -40.97
CA ILE B 279 -14.54 5.42 -41.46
C ILE B 279 -14.86 6.36 -42.61
N ASN B 280 -15.80 5.94 -43.46
CA ASN B 280 -16.20 6.75 -44.61
C ASN B 280 -16.99 7.97 -44.14
N LYS B 281 -17.97 7.76 -43.27
CA LYS B 281 -18.78 8.85 -42.74
C LYS B 281 -17.90 9.87 -42.02
N ALA B 282 -16.89 9.37 -41.31
CA ALA B 282 -15.98 10.23 -40.57
C ALA B 282 -15.23 11.12 -41.56
N ALA B 283 -14.72 10.51 -42.61
CA ALA B 283 -13.98 11.23 -43.64
C ALA B 283 -14.80 12.37 -44.22
N ASP B 284 -16.07 12.10 -44.53
CA ASP B 284 -16.95 13.13 -45.10
C ASP B 284 -17.17 14.27 -44.12
N LEU B 285 -17.44 13.92 -42.87
CA LEU B 285 -17.69 14.91 -41.83
C LEU B 285 -16.48 15.82 -41.62
N ILE B 286 -15.28 15.28 -41.81
CA ILE B 286 -14.07 16.08 -41.66
C ILE B 286 -13.95 17.06 -42.82
N ASN B 287 -14.59 16.73 -43.94
CA ASN B 287 -14.57 17.59 -45.12
C ASN B 287 -15.47 18.80 -44.96
N LEU B 288 -16.61 18.59 -44.31
CA LEU B 288 -17.57 19.66 -44.08
C LEU B 288 -17.19 20.46 -42.84
N ALA B 289 -15.96 20.28 -42.36
CA ALA B 289 -15.49 20.98 -41.17
C ALA B 289 -14.82 22.31 -41.51
N LYS B 290 -15.23 23.37 -40.80
CA LYS B 290 -14.67 24.69 -41.02
C LYS B 290 -13.80 25.10 -39.83
N LYS B 291 -14.12 24.52 -38.67
CA LYS B 291 -13.39 24.79 -37.44
C LYS B 291 -13.10 23.46 -36.73
N PRO B 292 -12.30 22.60 -37.36
CA PRO B 292 -11.94 21.29 -36.80
C PRO B 292 -10.89 21.33 -35.69
N VAL B 293 -10.96 20.35 -34.80
CA VAL B 293 -10.02 20.23 -33.69
C VAL B 293 -9.72 18.76 -33.40
N LEU B 294 -8.44 18.43 -33.34
CA LEU B 294 -8.04 17.07 -33.02
C LEU B 294 -7.78 16.97 -31.52
N TYR B 295 -8.59 16.14 -30.86
CA TYR B 295 -8.51 15.91 -29.42
C TYR B 295 -7.86 14.54 -29.23
N VAL B 296 -6.54 14.55 -29.06
CA VAL B 296 -5.76 13.32 -28.92
C VAL B 296 -5.41 12.89 -27.49
N GLY B 297 -5.42 11.58 -27.27
CA GLY B 297 -5.10 11.03 -25.97
C GLY B 297 -4.09 9.90 -26.01
N ALA B 298 -3.94 9.21 -24.89
CA ALA B 298 -3.00 8.10 -24.75
C ALA B 298 -3.18 6.97 -25.77
N GLY B 299 -4.39 6.83 -26.29
CA GLY B 299 -4.67 5.77 -27.26
C GLY B 299 -3.75 5.79 -28.47
N ILE B 300 -3.43 6.98 -28.94
CA ILE B 300 -2.56 7.16 -30.11
C ILE B 300 -1.17 6.62 -29.86
N LEU B 301 -0.78 6.56 -28.58
CA LEU B 301 0.55 6.07 -28.21
C LEU B 301 0.62 4.55 -28.07
N ASN B 302 -0.51 3.87 -28.24
CA ASN B 302 -0.52 2.41 -28.12
C ASN B 302 -0.20 1.71 -29.43
N HIS B 303 0.38 2.47 -30.36
CA HIS B 303 0.78 1.94 -31.65
C HIS B 303 2.00 2.72 -32.14
N ALA B 304 3.00 1.99 -32.63
CA ALA B 304 4.23 2.59 -33.11
C ALA B 304 4.01 3.69 -34.16
N ASP B 305 3.04 3.49 -35.04
CA ASP B 305 2.78 4.48 -36.09
C ASP B 305 1.77 5.56 -35.69
N GLY B 306 1.32 5.54 -34.44
CA GLY B 306 0.36 6.52 -33.99
C GLY B 306 0.76 7.97 -34.21
N PRO B 307 1.81 8.46 -33.53
CA PRO B 307 2.27 9.84 -33.68
C PRO B 307 2.46 10.26 -35.14
N ARG B 308 3.09 9.39 -35.93
CA ARG B 308 3.35 9.68 -37.33
C ARG B 308 2.06 9.91 -38.12
N LEU B 309 1.10 9.00 -37.94
CA LEU B 309 -0.17 9.10 -38.64
C LEU B 309 -1.01 10.27 -38.13
N LEU B 310 -0.71 10.72 -36.91
CA LEU B 310 -1.42 11.84 -36.32
C LEU B 310 -0.93 13.12 -36.99
N LYS B 311 0.38 13.19 -37.20
CA LYS B 311 1.00 14.35 -37.85
C LYS B 311 0.51 14.43 -39.29
N GLU B 312 0.47 13.28 -39.94
CA GLU B 312 0.02 13.19 -41.32
C GLU B 312 -1.37 13.80 -41.46
N LEU B 313 -2.32 13.29 -40.67
CA LEU B 313 -3.68 13.79 -40.70
C LEU B 313 -3.76 15.27 -40.35
N SER B 314 -2.93 15.71 -39.43
CA SER B 314 -2.92 17.11 -39.01
C SER B 314 -2.45 18.01 -40.15
N ASP B 315 -1.38 17.60 -40.82
CA ASP B 315 -0.85 18.38 -41.94
C ASP B 315 -1.79 18.31 -43.13
N ARG B 316 -2.15 17.08 -43.52
CA ARG B 316 -3.03 16.85 -44.65
C ARG B 316 -4.28 17.72 -44.64
N ALA B 317 -5.07 17.64 -43.57
CA ALA B 317 -6.30 18.42 -43.46
C ALA B 317 -6.13 19.72 -42.66
N GLN B 318 -4.88 20.07 -42.37
CA GLN B 318 -4.58 21.29 -41.60
C GLN B 318 -5.53 21.42 -40.42
N ILE B 319 -5.32 20.59 -39.40
CA ILE B 319 -6.15 20.60 -38.21
C ILE B 319 -5.32 20.83 -36.95
N PRO B 320 -5.74 21.79 -36.10
CA PRO B 320 -5.00 22.07 -34.86
C PRO B 320 -5.16 20.88 -33.90
N VAL B 321 -4.08 20.53 -33.21
CA VAL B 321 -4.11 19.39 -32.29
C VAL B 321 -3.88 19.73 -30.83
N THR B 322 -4.77 19.24 -29.98
CA THR B 322 -4.65 19.43 -28.54
C THR B 322 -4.62 18.04 -27.92
N THR B 323 -3.76 17.84 -26.94
CA THR B 323 -3.63 16.53 -26.29
C THR B 323 -3.98 16.59 -24.80
N THR B 324 -4.35 15.43 -24.26
CA THR B 324 -4.66 15.31 -22.85
C THR B 324 -3.32 15.17 -22.15
N LEU B 325 -3.34 15.10 -20.83
CA LEU B 325 -2.12 14.93 -20.05
C LEU B 325 -1.39 13.66 -20.52
N GLN B 326 -2.14 12.59 -20.73
CA GLN B 326 -1.58 11.32 -21.16
C GLN B 326 -1.27 11.29 -22.66
N GLY B 327 -1.61 12.37 -23.35
CA GLY B 327 -1.36 12.44 -24.78
C GLY B 327 -0.10 13.21 -25.11
N LEU B 328 0.37 14.03 -24.16
CA LEU B 328 1.57 14.83 -24.35
C LEU B 328 2.71 13.98 -24.89
N GLY B 329 3.36 14.46 -25.95
CA GLY B 329 4.46 13.74 -26.54
C GLY B 329 4.09 12.99 -27.82
N SER B 330 2.80 12.95 -28.13
CA SER B 330 2.35 12.26 -29.35
C SER B 330 2.27 13.26 -30.51
N PHE B 331 2.45 14.53 -30.19
CA PHE B 331 2.41 15.59 -31.20
C PHE B 331 3.49 16.61 -30.85
N ASP B 332 4.27 17.03 -31.84
CA ASP B 332 5.32 18.01 -31.59
C ASP B 332 4.69 19.36 -31.28
N GLN B 333 5.03 19.92 -30.12
CA GLN B 333 4.47 21.20 -29.72
C GLN B 333 5.16 22.39 -30.39
N GLU B 334 6.18 22.09 -31.21
CA GLU B 334 6.88 23.14 -31.94
C GLU B 334 6.13 23.43 -33.23
N ASP B 335 5.21 22.54 -33.58
CA ASP B 335 4.41 22.69 -34.80
C ASP B 335 3.37 23.78 -34.57
N PRO B 336 3.26 24.72 -35.52
CA PRO B 336 2.30 25.84 -35.46
C PRO B 336 0.87 25.40 -35.21
N LYS B 337 0.56 24.16 -35.55
CA LYS B 337 -0.79 23.62 -35.38
C LYS B 337 -1.03 23.02 -34.00
N SER B 338 -0.09 23.20 -33.09
CA SER B 338 -0.21 22.67 -31.73
C SER B 338 -0.99 23.61 -30.81
N LEU B 339 -2.02 23.06 -30.15
CA LEU B 339 -2.84 23.84 -29.23
C LEU B 339 -2.39 23.58 -27.79
N ASP B 340 -1.49 22.62 -27.62
CA ASP B 340 -0.97 22.24 -26.31
C ASP B 340 -2.00 21.38 -25.57
N MET B 341 -1.93 21.34 -24.24
CA MET B 341 -2.86 20.54 -23.43
C MET B 341 -4.16 21.27 -23.11
N LEU B 342 -5.25 20.50 -23.00
CA LEU B 342 -6.55 21.04 -22.68
C LEU B 342 -7.04 20.53 -21.32
N GLY B 343 -8.20 21.01 -20.88
CA GLY B 343 -8.77 20.56 -19.63
C GLY B 343 -8.72 21.53 -18.46
N MET B 344 -8.93 20.98 -17.26
CA MET B 344 -8.93 21.73 -16.01
C MET B 344 -7.77 22.71 -15.89
N HIS B 345 -6.58 22.26 -16.23
CA HIS B 345 -5.39 23.11 -16.16
C HIS B 345 -4.70 23.20 -17.51
N GLY B 346 -5.46 22.97 -18.58
CA GLY B 346 -4.90 23.04 -19.92
C GLY B 346 -4.81 24.47 -20.43
N CYS B 347 -4.15 24.64 -21.58
CA CYS B 347 -3.98 25.95 -22.19
C CYS B 347 -5.33 26.56 -22.56
N ALA B 348 -5.51 27.83 -22.23
CA ALA B 348 -6.76 28.54 -22.54
C ALA B 348 -7.11 28.42 -24.01
N THR B 349 -6.11 28.60 -24.86
CA THR B 349 -6.29 28.53 -26.30
C THR B 349 -6.87 27.17 -26.68
N ALA B 350 -6.37 26.12 -26.05
CA ALA B 350 -6.83 24.77 -26.32
C ALA B 350 -8.30 24.58 -25.93
N ASN B 351 -8.70 25.16 -24.80
CA ASN B 351 -10.07 25.05 -24.33
C ASN B 351 -11.04 25.85 -25.19
N LEU B 352 -10.61 27.03 -25.63
CA LEU B 352 -11.47 27.87 -26.45
C LEU B 352 -11.71 27.22 -27.81
N ALA B 353 -10.64 26.67 -28.39
CA ALA B 353 -10.75 26.00 -29.69
C ALA B 353 -11.76 24.87 -29.60
N VAL B 354 -11.72 24.12 -28.50
CA VAL B 354 -12.63 22.99 -28.28
C VAL B 354 -14.07 23.45 -28.12
N GLN B 355 -14.26 24.55 -27.40
CA GLN B 355 -15.60 25.08 -27.17
C GLN B 355 -16.20 25.75 -28.41
N ASN B 356 -15.35 26.19 -29.32
CA ASN B 356 -15.81 26.86 -30.54
C ASN B 356 -15.76 25.96 -31.77
N ALA B 357 -15.11 24.81 -31.66
CA ALA B 357 -14.98 23.89 -32.78
C ALA B 357 -16.35 23.36 -33.23
N ASP B 358 -16.49 23.14 -34.52
CA ASP B 358 -17.75 22.63 -35.07
C ASP B 358 -17.61 21.12 -35.21
N LEU B 359 -16.37 20.64 -35.15
CA LEU B 359 -16.10 19.22 -35.26
C LEU B 359 -14.91 18.81 -34.40
N ILE B 360 -15.14 17.94 -33.44
CA ILE B 360 -14.08 17.46 -32.57
C ILE B 360 -13.77 16.02 -32.97
N ILE B 361 -12.51 15.75 -33.27
CA ILE B 361 -12.09 14.43 -33.68
C ILE B 361 -11.30 13.78 -32.53
N ALA B 362 -12.03 13.08 -31.67
CA ALA B 362 -11.44 12.41 -30.51
C ALA B 362 -10.66 11.15 -30.90
N VAL B 363 -9.35 11.15 -30.62
CA VAL B 363 -8.50 10.03 -30.96
C VAL B 363 -7.80 9.45 -29.73
N GLY B 364 -8.24 8.27 -29.29
CA GLY B 364 -7.64 7.64 -28.13
C GLY B 364 -7.76 8.45 -26.85
N ALA B 365 -8.94 8.98 -26.59
CA ALA B 365 -9.20 9.78 -25.40
C ALA B 365 -10.56 9.36 -24.84
N ARG B 366 -10.71 9.37 -23.51
CA ARG B 366 -11.97 8.95 -22.90
C ARG B 366 -12.86 10.04 -22.29
N PHE B 367 -12.64 11.29 -22.68
CA PHE B 367 -13.44 12.39 -22.15
C PHE B 367 -13.62 12.31 -20.62
N ASP B 368 -12.52 12.19 -19.88
CA ASP B 368 -12.62 12.11 -18.43
C ASP B 368 -13.04 13.48 -17.87
N ASP B 369 -13.40 13.50 -16.58
CA ASP B 369 -13.85 14.73 -15.94
C ASP B 369 -12.79 15.80 -15.68
N ARG B 370 -11.53 15.50 -15.98
CA ARG B 370 -10.46 16.47 -15.78
C ARG B 370 -10.24 17.22 -17.10
N VAL B 371 -10.86 16.72 -18.17
CA VAL B 371 -10.72 17.31 -19.49
C VAL B 371 -11.95 18.07 -20.00
N THR B 372 -13.13 17.50 -19.79
CA THR B 372 -14.37 18.10 -20.27
C THR B 372 -14.91 19.30 -19.50
N GLY B 373 -14.64 19.35 -18.20
CA GLY B 373 -15.16 20.44 -17.39
C GLY B 373 -16.63 20.13 -17.18
N ASN B 374 -17.46 21.16 -16.97
CA ASN B 374 -18.89 20.94 -16.80
C ASN B 374 -19.38 20.29 -18.09
N ILE B 375 -19.70 19.00 -18.03
CA ILE B 375 -20.15 18.26 -19.21
C ILE B 375 -21.28 18.93 -20.00
N SER B 376 -22.19 19.60 -19.29
CA SER B 376 -23.30 20.28 -19.94
C SER B 376 -22.85 21.42 -20.83
N LYS B 377 -21.77 22.09 -20.43
CA LYS B 377 -21.24 23.23 -21.17
C LYS B 377 -20.12 22.82 -22.12
N PHE B 378 -19.90 21.52 -22.26
CA PHE B 378 -18.84 21.00 -23.11
C PHE B 378 -19.17 21.02 -24.60
N ALA B 379 -18.23 21.53 -25.39
CA ALA B 379 -18.37 21.61 -26.85
C ALA B 379 -19.72 22.14 -27.33
N PRO B 380 -20.04 23.41 -27.03
CA PRO B 380 -21.32 24.00 -27.45
C PRO B 380 -21.46 24.06 -28.98
N GLU B 381 -20.41 24.52 -29.65
CA GLU B 381 -20.43 24.63 -31.11
C GLU B 381 -20.53 23.30 -31.83
N ALA B 382 -19.92 22.27 -31.25
CA ALA B 382 -19.97 20.94 -31.86
C ALA B 382 -21.38 20.36 -31.70
N ARG B 383 -22.04 20.73 -30.61
CA ARG B 383 -23.39 20.25 -30.36
C ARG B 383 -24.35 20.91 -31.35
N ARG B 384 -24.12 22.19 -31.65
CA ARG B 384 -24.94 22.93 -32.58
C ARG B 384 -24.65 22.44 -33.99
N ALA B 385 -23.38 22.14 -34.24
CA ALA B 385 -22.95 21.64 -35.55
C ALA B 385 -23.53 20.24 -35.76
N ALA B 386 -23.81 19.56 -34.65
CA ALA B 386 -24.38 18.22 -34.71
C ALA B 386 -25.87 18.30 -34.94
N ALA B 387 -26.50 19.35 -34.41
CA ALA B 387 -27.92 19.57 -34.56
C ALA B 387 -28.24 19.94 -36.00
N GLU B 388 -27.25 20.49 -36.68
CA GLU B 388 -27.40 20.90 -38.07
C GLU B 388 -26.74 19.89 -39.02
N GLY B 389 -26.39 18.73 -38.49
CA GLY B 389 -25.76 17.69 -39.29
C GLY B 389 -24.56 18.14 -40.09
N ARG B 390 -23.84 19.15 -39.59
CA ARG B 390 -22.66 19.66 -40.28
C ARG B 390 -21.41 19.51 -39.42
N GLY B 391 -21.52 18.74 -38.34
CA GLY B 391 -20.40 18.54 -37.45
C GLY B 391 -20.73 17.67 -36.25
N GLY B 392 -20.06 17.94 -35.13
CA GLY B 392 -20.31 17.17 -33.93
C GLY B 392 -19.04 16.53 -33.39
N ILE B 393 -19.15 15.27 -32.98
CA ILE B 393 -18.01 14.55 -32.41
C ILE B 393 -17.75 13.18 -33.05
N ILE B 394 -16.52 12.96 -33.51
CA ILE B 394 -16.11 11.69 -34.08
C ILE B 394 -15.20 11.07 -33.03
N HIS B 395 -15.44 9.80 -32.69
CA HIS B 395 -14.64 9.14 -31.66
C HIS B 395 -13.94 7.84 -32.07
N PHE B 396 -12.61 7.86 -32.10
CA PHE B 396 -11.83 6.67 -32.45
C PHE B 396 -11.51 5.94 -31.13
N GLU B 397 -12.40 5.03 -30.74
CA GLU B 397 -12.24 4.28 -29.50
C GLU B 397 -12.11 2.77 -29.70
N VAL B 398 -11.16 2.16 -28.99
CA VAL B 398 -10.93 0.72 -29.09
C VAL B 398 -11.86 -0.08 -28.18
N SER B 399 -12.29 0.55 -27.08
CA SER B 399 -13.17 -0.10 -26.12
C SER B 399 -14.62 0.39 -26.25
N PRO B 400 -15.52 -0.49 -26.67
CA PRO B 400 -16.95 -0.16 -26.83
C PRO B 400 -17.57 0.47 -25.59
N LYS B 401 -17.13 0.03 -24.41
CA LYS B 401 -17.64 0.54 -23.15
C LYS B 401 -17.36 2.04 -22.97
N ASN B 402 -16.35 2.55 -23.66
CA ASN B 402 -16.02 3.96 -23.55
C ASN B 402 -16.61 4.82 -24.66
N ILE B 403 -17.54 4.25 -25.42
CA ILE B 403 -18.17 4.99 -26.51
C ILE B 403 -19.55 5.46 -26.06
N ASN B 404 -19.77 6.77 -26.13
CA ASN B 404 -21.03 7.38 -25.72
C ASN B 404 -21.27 7.13 -24.24
N LYS B 405 -20.18 7.10 -23.47
CA LYS B 405 -20.26 6.88 -22.03
C LYS B 405 -20.38 8.24 -21.34
N VAL B 406 -19.64 9.22 -21.84
CA VAL B 406 -19.65 10.57 -21.27
C VAL B 406 -20.55 11.51 -22.05
N VAL B 407 -20.27 11.68 -23.33
CA VAL B 407 -21.07 12.55 -24.18
C VAL B 407 -21.48 11.79 -25.44
N GLN B 408 -22.68 12.09 -25.95
CA GLN B 408 -23.19 11.42 -27.14
C GLN B 408 -22.40 11.86 -28.37
N THR B 409 -21.90 10.90 -29.13
CA THR B 409 -21.11 11.20 -30.33
C THR B 409 -21.91 10.97 -31.62
N GLN B 410 -21.46 11.59 -32.70
CA GLN B 410 -22.12 11.46 -33.99
C GLN B 410 -21.58 10.27 -34.77
N ILE B 411 -20.27 10.08 -34.72
CA ILE B 411 -19.64 8.96 -35.41
C ILE B 411 -18.66 8.24 -34.48
N ALA B 412 -18.71 6.91 -34.49
CA ALA B 412 -17.82 6.11 -33.66
C ALA B 412 -17.05 5.12 -34.52
N VAL B 413 -15.73 5.17 -34.44
CA VAL B 413 -14.88 4.27 -35.20
C VAL B 413 -14.20 3.31 -34.22
N GLU B 414 -14.76 2.13 -34.06
CA GLU B 414 -14.21 1.13 -33.14
C GLU B 414 -12.90 0.50 -33.63
N GLY B 415 -12.07 0.12 -32.67
CA GLY B 415 -10.79 -0.50 -33.01
C GLY B 415 -9.60 0.39 -32.73
N ASP B 416 -8.42 -0.10 -33.10
CA ASP B 416 -7.19 0.65 -32.92
C ASP B 416 -7.27 1.96 -33.69
N ALA B 417 -6.95 3.06 -33.03
CA ALA B 417 -7.00 4.38 -33.64
C ALA B 417 -6.02 4.51 -34.81
N THR B 418 -4.76 4.22 -34.55
CA THR B 418 -3.71 4.31 -35.57
C THR B 418 -4.11 3.55 -36.83
N THR B 419 -4.59 2.32 -36.67
CA THR B 419 -4.99 1.50 -37.79
C THR B 419 -6.13 2.14 -38.59
N ASN B 420 -7.16 2.62 -37.90
CA ASN B 420 -8.29 3.25 -38.57
C ASN B 420 -7.93 4.59 -39.21
N LEU B 421 -6.97 5.30 -38.62
CA LEU B 421 -6.56 6.59 -39.17
C LEU B 421 -5.82 6.34 -40.48
N GLY B 422 -5.20 5.17 -40.59
CA GLY B 422 -4.47 4.82 -41.79
C GLY B 422 -5.39 4.43 -42.93
N LYS B 423 -6.52 3.82 -42.59
CA LYS B 423 -7.48 3.38 -43.59
C LYS B 423 -8.40 4.52 -44.01
N MET B 424 -8.33 5.63 -43.29
CA MET B 424 -9.17 6.79 -43.60
C MET B 424 -8.39 7.89 -44.30
N MET B 425 -7.07 7.85 -44.14
CA MET B 425 -6.20 8.87 -44.72
C MET B 425 -6.50 9.22 -46.18
N SER B 426 -6.52 8.21 -47.04
CA SER B 426 -6.78 8.42 -48.47
C SER B 426 -8.10 9.14 -48.73
N LYS B 427 -9.12 8.82 -47.96
CA LYS B 427 -10.44 9.43 -48.11
C LYS B 427 -10.48 10.87 -47.60
N ILE B 428 -9.32 11.48 -47.40
CA ILE B 428 -9.24 12.84 -46.89
C ILE B 428 -8.63 13.82 -47.91
N PHE B 429 -9.37 14.88 -48.21
CA PHE B 429 -8.90 15.89 -49.16
C PHE B 429 -7.88 16.80 -48.49
N PRO B 430 -6.70 16.97 -49.09
CA PRO B 430 -5.66 17.83 -48.52
C PRO B 430 -6.07 19.31 -48.42
N VAL B 431 -6.49 19.73 -47.23
CA VAL B 431 -6.87 21.12 -47.02
C VAL B 431 -5.58 21.94 -47.01
N LYS B 432 -5.45 22.87 -47.95
CA LYS B 432 -4.24 23.68 -48.03
C LYS B 432 -4.28 24.95 -47.19
N GLU B 433 -5.43 25.27 -46.62
CA GLU B 433 -5.55 26.47 -45.81
C GLU B 433 -6.79 26.53 -44.92
N ARG B 434 -6.67 27.27 -43.82
CA ARG B 434 -7.75 27.47 -42.86
C ARG B 434 -7.47 28.81 -42.17
N SER B 435 -7.46 29.89 -42.95
CA SER B 435 -7.18 31.22 -42.44
C SER B 435 -8.07 31.68 -41.29
N GLU B 436 -9.37 31.71 -41.51
CA GLU B 436 -10.31 32.15 -40.48
C GLU B 436 -10.10 31.43 -39.15
N TRP B 437 -10.00 30.10 -39.21
CA TRP B 437 -9.81 29.28 -38.01
C TRP B 437 -8.47 29.59 -37.34
N PHE B 438 -7.38 29.43 -38.09
CA PHE B 438 -6.04 29.68 -37.57
C PHE B 438 -5.86 31.11 -37.09
N ALA B 439 -6.59 32.04 -37.70
CA ALA B 439 -6.50 33.44 -37.32
C ALA B 439 -7.05 33.61 -35.91
N GLN B 440 -8.24 33.07 -35.68
CA GLN B 440 -8.88 33.16 -34.37
C GLN B 440 -8.01 32.46 -33.31
N ILE B 441 -7.53 31.28 -33.63
CA ILE B 441 -6.69 30.51 -32.72
C ILE B 441 -5.43 31.28 -32.32
N ASN B 442 -4.73 31.83 -33.30
CA ASN B 442 -3.51 32.59 -33.02
C ASN B 442 -3.81 33.85 -32.20
N LYS B 443 -5.06 34.32 -32.28
CA LYS B 443 -5.49 35.49 -31.54
C LYS B 443 -5.47 35.14 -30.05
N TRP B 444 -5.97 33.95 -29.73
CA TRP B 444 -5.99 33.48 -28.36
C TRP B 444 -4.56 33.16 -27.89
N LYS B 445 -3.78 32.58 -28.79
CA LYS B 445 -2.39 32.24 -28.49
C LYS B 445 -1.63 33.43 -27.93
N LYS B 446 -1.89 34.60 -28.49
CA LYS B 446 -1.22 35.84 -28.10
C LYS B 446 -1.73 36.45 -26.79
N GLU B 447 -3.03 36.27 -26.50
CA GLU B 447 -3.64 36.82 -25.28
C GLU B 447 -3.68 35.86 -24.11
N TYR B 448 -3.66 34.56 -24.39
CA TYR B 448 -3.77 33.55 -23.35
C TYR B 448 -2.61 32.56 -23.23
N PRO B 449 -1.41 33.05 -22.91
CA PRO B 449 -0.26 32.15 -22.77
C PRO B 449 -0.15 31.70 -21.30
N TYR B 450 0.67 30.68 -21.06
CA TYR B 450 0.88 30.19 -19.70
C TYR B 450 1.61 31.26 -18.89
N ALA B 451 0.87 32.28 -18.48
CA ALA B 451 1.44 33.38 -17.70
C ALA B 451 1.46 33.07 -16.21
N TYR B 452 2.44 33.65 -15.52
CA TYR B 452 2.58 33.45 -14.08
C TYR B 452 3.49 34.54 -13.51
N MET B 453 3.47 34.68 -12.19
CA MET B 453 4.30 35.67 -11.51
C MET B 453 5.76 35.25 -11.57
N GLU B 454 6.54 35.92 -12.41
CA GLU B 454 7.97 35.60 -12.55
C GLU B 454 8.78 36.17 -11.40
N GLU B 455 9.99 35.64 -11.24
CA GLU B 455 10.89 36.08 -10.17
C GLU B 455 11.23 37.56 -10.20
N THR B 456 11.49 38.11 -9.03
CA THR B 456 11.86 39.50 -8.87
C THR B 456 13.07 39.52 -7.93
N PRO B 457 13.83 40.63 -7.93
CA PRO B 457 14.99 40.70 -7.04
C PRO B 457 14.69 40.41 -5.58
N GLY B 458 15.39 39.41 -5.04
CA GLY B 458 15.20 39.04 -3.64
C GLY B 458 14.08 38.06 -3.35
N SER B 459 13.30 37.69 -4.37
CA SER B 459 12.20 36.75 -4.17
C SER B 459 12.67 35.31 -4.34
N LYS B 460 11.81 34.37 -3.99
CA LYS B 460 12.15 32.96 -4.12
C LYS B 460 12.05 32.55 -5.57
N ILE B 461 12.56 31.37 -5.87
CA ILE B 461 12.50 30.84 -7.23
C ILE B 461 11.08 30.39 -7.53
N LYS B 462 10.60 30.67 -8.73
CA LYS B 462 9.26 30.27 -9.11
C LYS B 462 9.34 28.87 -9.71
N PRO B 463 8.39 27.99 -9.35
CA PRO B 463 8.41 26.63 -9.88
C PRO B 463 8.31 26.53 -11.41
N GLN B 464 7.43 27.33 -12.00
CA GLN B 464 7.27 27.31 -13.46
C GLN B 464 8.59 27.63 -14.15
N THR B 465 9.35 28.56 -13.58
CA THR B 465 10.63 28.95 -14.15
C THR B 465 11.59 27.75 -14.17
N VAL B 466 11.61 26.99 -13.07
CA VAL B 466 12.48 25.83 -12.98
C VAL B 466 12.17 24.83 -14.08
N ILE B 467 10.89 24.62 -14.35
CA ILE B 467 10.45 23.68 -15.39
C ILE B 467 10.96 24.13 -16.76
N LYS B 468 10.79 25.42 -17.06
CA LYS B 468 11.22 25.96 -18.35
C LYS B 468 12.73 25.85 -18.52
N LYS B 469 13.48 26.21 -17.48
CA LYS B 469 14.93 26.14 -17.54
C LYS B 469 15.43 24.71 -17.71
N LEU B 470 14.94 23.80 -16.87
CA LEU B 470 15.35 22.40 -16.94
C LEU B 470 15.00 21.79 -18.30
N SER B 471 13.85 22.20 -18.84
CA SER B 471 13.40 21.70 -20.14
C SER B 471 14.46 21.99 -21.20
N LYS B 472 15.02 23.19 -21.15
CA LYS B 472 16.04 23.64 -22.09
C LYS B 472 17.38 22.95 -21.80
N VAL B 473 17.78 22.97 -20.53
CA VAL B 473 19.04 22.35 -20.11
C VAL B 473 19.08 20.85 -20.43
N ALA B 474 17.95 20.18 -20.27
CA ALA B 474 17.87 18.75 -20.55
C ALA B 474 17.95 18.52 -22.06
N ASN B 475 17.31 19.40 -22.83
CA ASN B 475 17.32 19.27 -24.28
C ASN B 475 18.75 19.42 -24.81
N ASP B 476 19.44 20.46 -24.36
CA ASP B 476 20.80 20.70 -24.81
C ASP B 476 21.74 19.50 -24.62
N THR B 477 21.34 18.54 -23.80
CA THR B 477 22.19 17.37 -23.58
C THR B 477 22.25 16.52 -24.84
N GLY B 478 21.23 16.67 -25.69
CA GLY B 478 21.19 15.92 -26.93
C GLY B 478 20.72 14.49 -26.82
N ARG B 479 20.71 13.94 -25.61
CA ARG B 479 20.29 12.56 -25.41
C ARG B 479 18.78 12.40 -25.23
N HIS B 480 18.31 11.15 -25.25
CA HIS B 480 16.89 10.87 -25.10
C HIS B 480 16.46 11.21 -23.67
N VAL B 481 15.38 11.98 -23.54
CA VAL B 481 14.89 12.38 -22.23
C VAL B 481 13.49 11.86 -21.93
N ILE B 482 13.35 11.20 -20.79
CA ILE B 482 12.06 10.67 -20.33
C ILE B 482 11.74 11.40 -19.02
N VAL B 483 10.50 11.85 -18.87
CA VAL B 483 10.10 12.56 -17.66
C VAL B 483 8.98 11.89 -16.89
N THR B 484 9.17 11.74 -15.58
CA THR B 484 8.16 11.15 -14.70
C THR B 484 7.86 12.24 -13.68
N THR B 485 6.72 12.15 -13.01
CA THR B 485 6.36 13.14 -12.01
C THR B 485 5.53 12.54 -10.88
N GLY B 486 5.37 13.33 -9.83
CA GLY B 486 4.57 12.90 -8.70
C GLY B 486 3.17 13.42 -9.04
N VAL B 487 2.36 13.68 -8.04
CA VAL B 487 1.02 14.20 -8.28
C VAL B 487 0.83 15.54 -7.61
N GLY B 488 0.29 16.50 -8.36
CA GLY B 488 0.08 17.82 -7.81
C GLY B 488 0.48 18.94 -8.74
N GLN B 489 0.65 20.13 -8.16
CA GLN B 489 1.01 21.30 -8.92
C GLN B 489 2.24 21.08 -9.80
N HIS B 490 3.32 20.58 -9.19
CA HIS B 490 4.55 20.31 -9.93
C HIS B 490 4.25 19.47 -11.17
N GLN B 491 3.28 18.57 -11.04
CA GLN B 491 2.90 17.69 -12.14
C GLN B 491 2.26 18.50 -13.27
N MET B 492 1.38 19.42 -12.92
CA MET B 492 0.72 20.25 -13.92
C MET B 492 1.70 21.22 -14.56
N TRP B 493 2.56 21.82 -13.74
CA TRP B 493 3.54 22.76 -14.26
C TRP B 493 4.52 22.04 -15.18
N ALA B 494 4.82 20.79 -14.87
CA ALA B 494 5.72 20.01 -15.70
C ALA B 494 5.07 19.79 -17.06
N ALA B 495 3.76 19.52 -17.03
CA ALA B 495 3.01 19.28 -18.25
C ALA B 495 2.87 20.51 -19.13
N GLN B 496 2.60 21.67 -18.52
CA GLN B 496 2.42 22.91 -19.27
C GLN B 496 3.70 23.54 -19.80
N HIS B 497 4.65 23.80 -18.91
CA HIS B 497 5.89 24.46 -19.27
C HIS B 497 7.03 23.65 -19.88
N TRP B 498 6.79 22.39 -20.20
CA TRP B 498 7.82 21.58 -20.82
C TRP B 498 7.44 21.49 -22.29
N THR B 499 8.42 21.39 -23.18
CA THR B 499 8.14 21.29 -24.61
C THR B 499 8.20 19.83 -25.03
N TRP B 500 7.01 19.22 -25.19
CA TRP B 500 6.91 17.83 -25.58
C TRP B 500 6.96 17.65 -27.09
N ARG B 501 7.83 16.77 -27.56
CA ARG B 501 7.97 16.53 -28.99
C ARG B 501 8.19 15.06 -29.32
N ASN B 502 8.52 14.27 -28.31
CA ASN B 502 8.78 12.85 -28.51
C ASN B 502 7.78 11.98 -27.77
N PRO B 503 7.34 10.89 -28.41
CA PRO B 503 6.39 9.96 -27.80
C PRO B 503 7.02 9.12 -26.69
N HIS B 504 6.21 8.71 -25.73
CA HIS B 504 6.66 7.88 -24.62
C HIS B 504 7.77 8.53 -23.80
N THR B 505 7.70 9.85 -23.62
CA THR B 505 8.71 10.56 -22.84
C THR B 505 8.12 11.22 -21.61
N PHE B 506 6.81 11.10 -21.44
CA PHE B 506 6.13 11.68 -20.28
C PHE B 506 5.33 10.57 -19.59
N ILE B 507 5.81 10.15 -18.42
CA ILE B 507 5.18 9.09 -17.64
C ILE B 507 4.62 9.65 -16.34
N THR B 508 3.30 9.88 -16.31
CA THR B 508 2.67 10.45 -15.14
C THR B 508 1.36 9.74 -14.77
N SER B 509 0.98 9.80 -13.49
CA SER B 509 -0.25 9.17 -13.00
C SER B 509 -1.41 10.16 -13.13
N GLY B 510 -2.33 9.90 -14.04
CA GLY B 510 -3.43 10.82 -14.24
C GLY B 510 -4.80 10.37 -13.78
N GLY B 511 -5.17 9.14 -14.10
CA GLY B 511 -6.47 8.64 -13.71
C GLY B 511 -6.65 8.54 -12.20
N LEU B 512 -5.80 7.75 -11.55
CA LEU B 512 -5.89 7.57 -10.11
C LEU B 512 -5.15 8.70 -9.41
N GLY B 513 -4.13 9.24 -10.06
CA GLY B 513 -3.35 10.32 -9.48
C GLY B 513 -2.67 9.91 -8.19
N THR B 514 -1.77 8.93 -8.30
CA THR B 514 -1.05 8.40 -7.15
C THR B 514 0.23 9.12 -6.75
N MET B 515 0.20 9.81 -5.60
CA MET B 515 1.39 10.48 -5.10
C MET B 515 2.44 9.42 -4.82
N GLY B 516 3.71 9.75 -5.06
CA GLY B 516 4.78 8.79 -4.83
C GLY B 516 5.13 7.99 -6.06
N TYR B 517 4.44 8.27 -7.16
CA TYR B 517 4.64 7.57 -8.42
C TYR B 517 5.97 7.92 -9.08
N GLY B 518 6.37 9.18 -8.96
CA GLY B 518 7.60 9.68 -9.55
C GLY B 518 8.86 8.84 -9.51
N LEU B 519 9.40 8.63 -8.33
CA LEU B 519 10.63 7.85 -8.18
C LEU B 519 10.56 6.41 -8.71
N PRO B 520 9.63 5.59 -8.18
CA PRO B 520 9.60 4.23 -8.72
C PRO B 520 9.35 4.16 -10.23
N ALA B 521 8.52 5.06 -10.75
CA ALA B 521 8.24 5.09 -12.18
C ALA B 521 9.52 5.39 -12.95
N ALA B 522 10.27 6.36 -12.47
CA ALA B 522 11.52 6.75 -13.10
C ALA B 522 12.47 5.55 -13.15
N ILE B 523 12.62 4.87 -12.02
CA ILE B 523 13.48 3.70 -11.93
C ILE B 523 13.05 2.64 -12.94
N GLY B 524 11.74 2.45 -13.07
CA GLY B 524 11.25 1.47 -14.02
C GLY B 524 11.56 1.88 -15.45
N ALA B 525 11.40 3.18 -15.72
CA ALA B 525 11.66 3.71 -17.05
C ALA B 525 13.15 3.61 -17.39
N GLN B 526 14.01 3.93 -16.42
CA GLN B 526 15.44 3.87 -16.64
C GLN B 526 15.88 2.44 -16.97
N VAL B 527 15.14 1.47 -16.45
CA VAL B 527 15.47 0.08 -16.71
C VAL B 527 15.09 -0.27 -18.14
N ALA B 528 13.99 0.31 -18.59
CA ALA B 528 13.48 0.09 -19.94
C ALA B 528 14.37 0.76 -20.98
N LYS B 529 14.86 1.96 -20.66
CA LYS B 529 15.73 2.73 -21.54
C LYS B 529 17.01 3.09 -20.79
N PRO B 530 17.94 2.13 -20.65
CA PRO B 530 19.20 2.37 -19.96
C PRO B 530 19.97 3.59 -20.43
N GLU B 531 19.91 3.86 -21.73
CA GLU B 531 20.64 4.99 -22.32
C GLU B 531 19.97 6.35 -22.17
N SER B 532 18.70 6.37 -21.80
CA SER B 532 17.99 7.63 -21.66
C SER B 532 18.26 8.39 -20.37
N LEU B 533 18.05 9.70 -20.43
CA LEU B 533 18.21 10.57 -19.27
C LEU B 533 16.79 10.60 -18.68
N VAL B 534 16.61 9.91 -17.55
CA VAL B 534 15.31 9.86 -16.90
C VAL B 534 15.23 10.86 -15.76
N ILE B 535 14.25 11.76 -15.83
CA ILE B 535 14.08 12.78 -14.80
C ILE B 535 12.73 12.68 -14.11
N ASP B 536 12.75 12.69 -12.78
CA ASP B 536 11.53 12.66 -12.00
C ASP B 536 11.32 14.02 -11.39
N ILE B 537 10.35 14.77 -11.94
CA ILE B 537 10.01 16.08 -11.43
C ILE B 537 8.96 15.77 -10.39
N ASP B 538 9.36 15.88 -9.12
CA ASP B 538 8.48 15.55 -8.00
C ASP B 538 8.15 16.71 -7.07
N GLY B 539 7.17 16.46 -6.21
CA GLY B 539 6.75 17.44 -5.21
C GLY B 539 7.26 16.88 -3.90
N ASP B 540 7.44 17.72 -2.89
CA ASP B 540 7.95 17.24 -1.61
C ASP B 540 7.02 16.22 -0.95
N ALA B 541 5.72 16.48 -0.93
CA ALA B 541 4.80 15.54 -0.31
C ALA B 541 4.75 14.23 -1.07
N SER B 542 4.73 14.30 -2.40
CA SER B 542 4.68 13.08 -3.21
C SER B 542 5.93 12.25 -2.98
N PHE B 543 7.07 12.91 -2.97
CA PHE B 543 8.35 12.24 -2.76
C PHE B 543 8.38 11.45 -1.45
N ASN B 544 7.91 12.07 -0.37
CA ASN B 544 7.89 11.41 0.94
C ASN B 544 7.18 10.06 0.95
N MET B 545 6.16 9.91 0.11
CA MET B 545 5.39 8.69 0.04
C MET B 545 6.20 7.43 -0.26
N THR B 546 7.12 7.53 -1.22
CA THR B 546 7.90 6.37 -1.62
C THR B 546 9.41 6.58 -1.66
N LEU B 547 9.90 7.59 -0.95
CA LEU B 547 11.32 7.92 -0.93
C LEU B 547 12.26 6.79 -0.50
N THR B 548 11.72 5.69 0.01
CA THR B 548 12.58 4.59 0.42
C THR B 548 13.17 3.88 -0.79
N GLU B 549 12.57 4.08 -1.96
CA GLU B 549 13.04 3.44 -3.18
C GLU B 549 14.32 4.07 -3.72
N LEU B 550 14.82 5.10 -3.04
CA LEU B 550 16.06 5.74 -3.46
C LEU B 550 17.18 4.72 -3.44
N SER B 551 17.21 3.90 -2.40
CA SER B 551 18.24 2.88 -2.25
C SER B 551 18.09 1.81 -3.33
N SER B 552 16.87 1.65 -3.84
CA SER B 552 16.58 0.67 -4.87
C SER B 552 17.21 1.12 -6.18
N ALA B 553 17.16 2.43 -6.40
CA ALA B 553 17.74 3.02 -7.60
C ALA B 553 19.23 2.70 -7.63
N VAL B 554 19.87 2.84 -6.47
CA VAL B 554 21.30 2.56 -6.36
C VAL B 554 21.60 1.10 -6.58
N GLN B 555 20.78 0.22 -6.02
CA GLN B 555 20.99 -1.22 -6.18
C GLN B 555 20.67 -1.68 -7.60
N ALA B 556 19.74 -0.99 -8.26
CA ALA B 556 19.37 -1.36 -9.62
C ALA B 556 20.31 -0.78 -10.67
N GLY B 557 21.16 0.16 -10.26
CA GLY B 557 22.09 0.77 -11.20
C GLY B 557 21.39 1.75 -12.13
N THR B 558 20.32 2.37 -11.66
CA THR B 558 19.57 3.33 -12.46
C THR B 558 19.95 4.76 -12.08
N PRO B 559 20.72 5.45 -12.93
CA PRO B 559 21.17 6.82 -12.70
C PRO B 559 20.08 7.88 -12.89
N VAL B 560 18.93 7.66 -12.26
CA VAL B 560 17.84 8.60 -12.37
C VAL B 560 18.16 9.95 -11.74
N LYS B 561 17.54 11.00 -12.27
CA LYS B 561 17.72 12.36 -11.78
C LYS B 561 16.43 12.76 -11.08
N ILE B 562 16.49 12.92 -9.76
CA ILE B 562 15.33 13.28 -8.97
C ILE B 562 15.31 14.75 -8.65
N LEU B 563 14.28 15.44 -9.17
CA LEU B 563 14.12 16.87 -8.93
C LEU B 563 12.93 17.08 -8.00
N ILE B 564 13.17 17.81 -6.90
CA ILE B 564 12.12 18.08 -5.95
C ILE B 564 11.81 19.57 -5.84
N LEU B 565 10.62 19.95 -6.31
CA LEU B 565 10.19 21.34 -6.22
C LEU B 565 9.56 21.44 -4.84
N ASN B 566 10.35 21.90 -3.88
CA ASN B 566 9.89 22.00 -2.51
C ASN B 566 9.23 23.31 -2.08
N ASN B 567 7.93 23.23 -1.82
CA ASN B 567 7.14 24.36 -1.36
C ASN B 567 6.62 24.02 0.04
N GLU B 568 7.13 22.92 0.58
CA GLU B 568 6.77 22.43 1.92
C GLU B 568 5.26 22.40 2.12
N GLU B 569 4.55 21.85 1.15
CA GLU B 569 3.10 21.80 1.24
C GLU B 569 2.51 20.85 0.22
N GLN B 570 1.20 20.65 0.34
CA GLN B 570 0.43 19.82 -0.57
C GLN B 570 -0.18 20.83 -1.53
N GLY B 571 0.65 21.35 -2.43
CA GLY B 571 0.21 22.35 -3.39
C GLY B 571 -1.20 22.28 -3.92
N MET B 572 -1.53 21.20 -4.63
CA MET B 572 -2.86 21.06 -5.23
C MET B 572 -4.01 21.17 -4.22
N VAL B 573 -3.81 20.65 -3.02
CA VAL B 573 -4.85 20.71 -2.00
C VAL B 573 -4.95 22.10 -1.36
N THR B 574 -3.81 22.70 -1.05
CA THR B 574 -3.80 24.03 -0.44
C THR B 574 -4.40 25.02 -1.44
N GLN B 575 -4.20 24.76 -2.72
CA GLN B 575 -4.75 25.65 -3.75
C GLN B 575 -6.27 25.58 -3.68
N TRP B 576 -6.81 24.36 -3.55
CA TRP B 576 -8.25 24.19 -3.44
C TRP B 576 -8.76 24.76 -2.13
N GLN B 577 -7.96 24.65 -1.07
CA GLN B 577 -8.34 25.18 0.22
C GLN B 577 -8.31 26.71 0.19
N SER B 578 -7.46 27.26 -0.67
CA SER B 578 -7.35 28.71 -0.83
C SER B 578 -8.53 29.25 -1.62
N LEU B 579 -8.87 28.56 -2.69
CA LEU B 579 -9.96 28.97 -3.57
C LEU B 579 -11.36 28.67 -3.04
N PHE B 580 -11.57 27.47 -2.51
CA PHE B 580 -12.89 27.09 -2.05
C PHE B 580 -13.12 26.96 -0.54
N TYR B 581 -12.07 27.00 0.26
CA TYR B 581 -12.25 26.87 1.71
C TYR B 581 -11.64 28.01 2.53
N GLU B 582 -11.80 29.23 2.04
CA GLU B 582 -11.30 30.43 2.72
C GLU B 582 -9.93 30.32 3.37
N HIS B 583 -8.96 29.81 2.62
CA HIS B 583 -7.58 29.66 3.09
C HIS B 583 -7.43 28.89 4.40
N ARG B 584 -8.27 27.86 4.59
CA ARG B 584 -8.18 27.04 5.80
C ARG B 584 -7.35 25.80 5.47
N TYR B 585 -6.04 25.90 5.69
CA TYR B 585 -5.12 24.81 5.40
C TYR B 585 -5.13 23.76 6.50
N SER B 586 -6.04 22.80 6.35
CA SER B 586 -6.22 21.72 7.31
C SER B 586 -5.31 20.51 7.07
N HIS B 587 -4.18 20.47 7.78
CA HIS B 587 -3.23 19.37 7.68
C HIS B 587 -2.62 19.15 6.29
N THR B 588 -2.28 20.23 5.62
CA THR B 588 -1.68 20.12 4.29
C THR B 588 -0.20 20.51 4.27
N HIS B 589 0.39 20.59 5.45
CA HIS B 589 1.80 20.95 5.59
C HIS B 589 2.59 19.89 6.39
N GLN B 590 3.31 19.02 5.67
CA GLN B 590 4.10 17.98 6.31
C GLN B 590 5.51 18.43 6.64
N LEU B 591 6.06 17.85 7.70
CA LEU B 591 7.42 18.15 8.12
C LEU B 591 8.34 17.32 7.24
N ASN B 592 9.15 18.00 6.42
CA ASN B 592 10.05 17.30 5.51
C ASN B 592 11.39 16.97 6.14
N PRO B 593 12.01 15.87 5.71
CA PRO B 593 13.31 15.49 6.24
C PRO B 593 14.32 16.34 5.45
N ASP B 594 15.62 16.16 5.72
CA ASP B 594 16.63 16.91 4.98
C ASP B 594 16.83 16.07 3.71
N PHE B 595 16.34 16.57 2.58
CA PHE B 595 16.44 15.84 1.32
C PHE B 595 17.86 15.54 0.85
N ILE B 596 18.79 16.46 1.11
CA ILE B 596 20.17 16.26 0.70
C ILE B 596 20.83 15.20 1.56
N LYS B 597 20.69 15.32 2.88
CA LYS B 597 21.27 14.34 3.78
C LYS B 597 20.60 12.98 3.53
N LEU B 598 19.32 13.03 3.16
CA LEU B 598 18.57 11.82 2.88
C LEU B 598 19.18 11.12 1.67
N ALA B 599 19.39 11.89 0.61
CA ALA B 599 19.97 11.38 -0.63
C ALA B 599 21.32 10.73 -0.35
N GLU B 600 22.16 11.43 0.41
CA GLU B 600 23.47 10.91 0.75
C GLU B 600 23.36 9.60 1.52
N ALA B 601 22.44 9.56 2.49
CA ALA B 601 22.22 8.36 3.28
C ALA B 601 21.80 7.19 2.38
N MET B 602 20.98 7.48 1.39
CA MET B 602 20.49 6.48 0.46
C MET B 602 21.54 6.06 -0.55
N GLY B 603 22.68 6.75 -0.56
CA GLY B 603 23.73 6.39 -1.48
C GLY B 603 23.87 7.16 -2.78
N LEU B 604 23.23 8.32 -2.90
CA LEU B 604 23.36 9.11 -4.13
C LEU B 604 23.76 10.56 -3.83
N LYS B 605 24.08 11.30 -4.88
CA LYS B 605 24.50 12.69 -4.72
C LYS B 605 23.32 13.60 -4.41
N GLY B 606 23.54 14.56 -3.52
CA GLY B 606 22.48 15.48 -3.15
C GLY B 606 22.86 16.93 -3.40
N LEU B 607 21.98 17.65 -4.09
CA LEU B 607 22.21 19.06 -4.40
C LEU B 607 21.00 19.89 -4.01
N ARG B 608 21.24 21.09 -3.50
CA ARG B 608 20.16 21.98 -3.11
C ARG B 608 20.42 23.37 -3.69
N VAL B 609 19.34 24.12 -3.92
CA VAL B 609 19.46 25.47 -4.47
C VAL B 609 18.31 26.35 -3.96
N LYS B 610 18.65 27.50 -3.41
CA LYS B 610 17.66 28.43 -2.87
C LYS B 610 17.69 29.77 -3.60
N LYS B 611 18.86 30.11 -4.13
CA LYS B 611 19.04 31.38 -4.81
C LYS B 611 18.84 31.33 -6.32
N GLN B 612 18.18 32.37 -6.84
CA GLN B 612 17.91 32.47 -8.27
C GLN B 612 19.20 32.39 -9.08
N GLU B 613 20.22 33.10 -8.62
CA GLU B 613 21.51 33.13 -9.31
C GLU B 613 22.24 31.79 -9.41
N GLU B 614 21.82 30.80 -8.64
CA GLU B 614 22.48 29.50 -8.68
C GLU B 614 21.69 28.41 -9.40
N LEU B 615 20.44 28.72 -9.74
CA LEU B 615 19.58 27.75 -10.40
C LEU B 615 20.17 27.13 -11.66
N ASP B 616 20.64 27.97 -12.59
CA ASP B 616 21.20 27.49 -13.84
C ASP B 616 22.42 26.58 -13.67
N ALA B 617 23.33 26.97 -12.77
CA ALA B 617 24.52 26.17 -12.52
C ALA B 617 24.13 24.80 -11.95
N LYS B 618 23.23 24.81 -10.96
CA LYS B 618 22.77 23.60 -10.32
C LYS B 618 22.07 22.64 -11.28
N LEU B 619 21.22 23.20 -12.14
CA LEU B 619 20.50 22.38 -13.12
C LEU B 619 21.47 21.65 -14.04
N LYS B 620 22.51 22.35 -14.47
CA LYS B 620 23.51 21.78 -15.36
C LYS B 620 24.27 20.67 -14.64
N GLU B 621 24.71 20.94 -13.41
CA GLU B 621 25.44 19.94 -12.64
C GLU B 621 24.52 18.75 -12.40
N PHE B 622 23.24 19.05 -12.18
CA PHE B 622 22.23 18.03 -11.94
C PHE B 622 22.13 17.01 -13.08
N VAL B 623 21.90 17.49 -14.29
CA VAL B 623 21.77 16.60 -15.44
C VAL B 623 23.08 15.99 -15.92
N SER B 624 24.20 16.64 -15.65
CA SER B 624 25.48 16.11 -16.10
C SER B 624 26.12 15.13 -15.11
N THR B 625 25.47 14.90 -13.97
CA THR B 625 25.99 13.95 -13.00
C THR B 625 25.82 12.55 -13.56
N LYS B 626 26.81 11.69 -13.38
CA LYS B 626 26.75 10.33 -13.91
C LYS B 626 25.66 9.46 -13.28
N GLY B 627 25.89 9.01 -12.05
CA GLY B 627 24.92 8.16 -11.37
C GLY B 627 23.65 8.85 -10.93
N PRO B 628 22.84 8.21 -10.05
CA PRO B 628 21.60 8.81 -9.56
C PRO B 628 21.91 10.05 -8.74
N VAL B 629 21.03 11.04 -8.82
CA VAL B 629 21.25 12.28 -8.10
C VAL B 629 19.95 12.96 -7.75
N LEU B 630 19.92 13.66 -6.63
CA LEU B 630 18.73 14.38 -6.20
C LEU B 630 19.07 15.86 -6.04
N LEU B 631 18.19 16.70 -6.58
CA LEU B 631 18.36 18.13 -6.51
C LEU B 631 17.08 18.71 -5.95
N GLU B 632 17.20 19.42 -4.83
CA GLU B 632 16.06 20.06 -4.20
C GLU B 632 16.11 21.53 -4.56
N VAL B 633 14.99 22.06 -5.04
CA VAL B 633 14.90 23.46 -5.38
C VAL B 633 13.80 24.10 -4.52
N GLU B 634 14.19 24.99 -3.63
CA GLU B 634 13.22 25.67 -2.79
C GLU B 634 12.46 26.65 -3.66
N VAL B 635 11.14 26.47 -3.78
CA VAL B 635 10.32 27.33 -4.61
C VAL B 635 9.28 28.12 -3.83
N ASP B 636 8.71 29.13 -4.48
CA ASP B 636 7.71 29.97 -3.85
C ASP B 636 6.48 29.16 -3.42
N LYS B 637 5.96 29.47 -2.25
CA LYS B 637 4.80 28.75 -1.70
C LYS B 637 3.47 29.40 -2.05
N LYS B 638 2.41 28.60 -1.98
CA LYS B 638 1.05 29.05 -2.26
C LYS B 638 0.91 29.68 -3.65
N VAL B 639 1.55 29.05 -4.64
CA VAL B 639 1.50 29.52 -6.02
C VAL B 639 0.47 28.66 -6.75
N PRO B 640 -0.65 29.26 -7.18
CA PRO B 640 -1.70 28.52 -7.88
C PRO B 640 -1.39 28.15 -9.33
N VAL B 641 -1.85 26.98 -9.74
CA VAL B 641 -1.67 26.51 -11.10
C VAL B 641 -2.78 27.14 -11.94
N LEU B 642 -2.39 27.86 -12.99
CA LEU B 642 -3.36 28.51 -13.87
C LEU B 642 -3.00 28.26 -15.33
N PRO B 643 -4.01 28.37 -16.23
CA PRO B 643 -5.39 28.69 -15.88
C PRO B 643 -6.08 27.52 -15.17
N MET B 644 -7.32 27.72 -14.72
CA MET B 644 -8.04 26.66 -14.03
C MET B 644 -9.54 26.64 -14.28
N VAL B 645 -10.07 25.43 -14.48
CA VAL B 645 -11.48 25.22 -14.71
C VAL B 645 -11.98 24.17 -13.72
N ALA B 646 -12.80 24.59 -12.77
CA ALA B 646 -13.34 23.69 -11.77
C ALA B 646 -14.83 23.95 -11.55
N GLY B 647 -15.47 23.09 -10.77
CA GLY B 647 -16.87 23.26 -10.49
C GLY B 647 -17.78 23.13 -11.70
N GLY B 648 -18.80 23.98 -11.77
CA GLY B 648 -19.72 23.92 -12.89
C GLY B 648 -19.32 24.82 -14.05
N SER B 649 -18.03 25.10 -14.15
CA SER B 649 -17.52 25.96 -15.22
C SER B 649 -17.28 25.17 -16.50
N GLY B 650 -17.43 25.85 -17.64
CA GLY B 650 -17.18 25.22 -18.91
C GLY B 650 -15.73 25.47 -19.23
N LEU B 651 -15.16 24.70 -20.15
CA LEU B 651 -13.76 24.87 -20.51
C LEU B 651 -13.42 26.31 -20.90
N ASP B 652 -14.44 27.06 -21.30
CA ASP B 652 -14.25 28.46 -21.69
C ASP B 652 -14.46 29.44 -20.54
N GLU B 653 -14.82 28.92 -19.38
CA GLU B 653 -15.05 29.74 -18.18
C GLU B 653 -13.90 29.51 -17.19
N PHE B 654 -12.68 29.54 -17.71
CA PHE B 654 -11.48 29.32 -16.92
C PHE B 654 -11.05 30.54 -16.11
N ILE B 655 -10.19 30.30 -15.13
CA ILE B 655 -9.64 31.36 -14.29
C ILE B 655 -8.25 31.60 -14.87
N ASN B 656 -7.99 32.84 -15.28
CA ASN B 656 -6.69 33.17 -15.86
C ASN B 656 -5.79 33.91 -14.87
N PHE B 657 -4.49 33.95 -15.17
CA PHE B 657 -3.53 34.61 -14.30
C PHE B 657 -3.59 36.13 -14.35
N ASP B 658 -3.42 36.75 -13.20
CA ASP B 658 -3.43 38.20 -13.06
C ASP B 658 -2.47 38.55 -11.92
N PRO B 659 -1.38 39.29 -12.23
CA PRO B 659 -0.41 39.67 -11.21
C PRO B 659 -0.98 40.42 -10.01
N GLU B 660 -1.89 41.34 -10.27
CA GLU B 660 -2.51 42.13 -9.20
C GLU B 660 -3.40 41.24 -8.33
N VAL B 661 -4.15 40.36 -8.97
CA VAL B 661 -5.02 39.45 -8.22
C VAL B 661 -4.21 38.56 -7.29
N GLU B 662 -3.03 38.12 -7.76
CA GLU B 662 -2.19 37.27 -6.94
C GLU B 662 -1.69 38.01 -5.71
N ARG B 663 -1.35 39.29 -5.89
CA ARG B 663 -0.88 40.09 -4.78
C ARG B 663 -2.00 40.27 -3.76
N GLN B 664 -3.22 40.44 -4.25
CA GLN B 664 -4.37 40.60 -3.38
C GLN B 664 -4.59 39.32 -2.58
N GLN B 665 -4.59 38.18 -3.26
CA GLN B 665 -4.76 36.88 -2.61
C GLN B 665 -3.68 36.63 -1.57
N THR B 666 -2.45 37.02 -1.88
CA THR B 666 -1.34 36.83 -0.95
C THR B 666 -1.60 37.62 0.33
N GLU B 667 -2.13 38.82 0.19
CA GLU B 667 -2.43 39.66 1.33
C GLU B 667 -3.60 39.09 2.14
N LEU B 668 -4.54 38.48 1.43
CA LEU B 668 -5.71 37.88 2.06
C LEU B 668 -5.35 36.61 2.82
N ARG B 669 -4.40 35.85 2.27
CA ARG B 669 -3.96 34.62 2.90
C ARG B 669 -3.25 34.96 4.21
N HIS B 670 -2.38 35.96 4.17
CA HIS B 670 -1.63 36.41 5.34
C HIS B 670 -2.56 36.85 6.47
N LYS B 671 -3.54 37.67 6.12
CA LYS B 671 -4.51 38.17 7.11
C LYS B 671 -5.27 37.01 7.72
N ARG B 672 -5.74 36.12 6.87
CA ARG B 672 -6.51 34.96 7.27
C ARG B 672 -5.78 33.90 8.06
N THR B 673 -4.49 33.70 7.77
CA THR B 673 -3.70 32.70 8.48
C THR B 673 -2.84 33.29 9.60
N GLY B 674 -3.10 34.56 9.92
CA GLY B 674 -2.34 35.22 10.97
C GLY B 674 -0.85 35.34 10.68
N GLY B 675 -0.51 35.38 9.40
CA GLY B 675 0.89 35.50 9.01
C GLY B 675 1.62 34.19 8.83
N LYS B 676 0.98 33.09 9.23
CA LYS B 676 1.58 31.76 9.12
C LYS B 676 1.87 31.37 7.68
N HIS B 677 0.97 31.73 6.77
CA HIS B 677 1.13 31.41 5.35
C HIS B 677 0.79 32.61 4.47
K K C . 10.03 -15.24 27.12
MG MG D . 16.98 -8.75 8.23
C4 1TB E . -0.13 -23.20 5.97
C5 1TB E . -0.58 -21.89 5.65
C6 1TB E . 0.23 -21.05 4.83
C1 1TB E . 1.48 -21.53 4.34
C2 1TB E . 1.94 -22.89 4.66
C3 1TB E . 1.10 -23.69 5.49
C11 1TB E . 2.29 -20.55 3.45
O12 1TB E . 2.93 -19.50 4.14
C13 1TB E . 3.08 -18.26 3.51
O11 1TB E . 2.36 -20.71 2.21
S7 1TB E . 3.52 -23.59 4.08
N8 1TB E . 4.59 -22.61 3.83
C9 1TB E . 5.18 -21.75 4.77
O7A 1TB E . 3.99 -24.57 5.09
O7B 1TB E . 3.26 -24.26 2.81
O9 1TB E . 4.78 -21.75 5.95
N10 1TB E . 6.18 -20.88 4.36
C2' 1TB E . 6.86 -19.94 5.13
N1' 1TB E . 7.88 -19.09 4.56
C6' 1TB E . 8.56 -18.14 5.37
N5' 1TB E . 8.19 -18.07 6.72
C4' 1TB E . 7.21 -18.89 7.32
N3' 1TB E . 6.53 -19.84 6.49
C10 1TB E . 6.61 -20.89 2.97
O4' 1TB E . 6.89 -18.78 8.69
C5' 1TB E . 7.21 -18.09 9.87
C7' 1TB E . 9.64 -17.24 4.76
N1' YF3 F . -2.43 9.56 -1.26
C2' YF3 F . -1.86 9.02 -2.53
CM2 YF3 F . -1.08 7.79 -2.68
N3' YF3 F . -2.14 9.84 -3.73
C4' YF3 F . -2.94 11.12 -3.66
N4' YF3 F . -3.14 11.80 -4.81
C5' YF3 F . -3.51 11.62 -2.25
C6' YF3 F . -3.23 10.82 -1.12
C7' YF3 F . -4.25 12.76 -2.01
N3 YF3 F . -4.42 13.76 -3.03
C4 YF3 F . -3.89 14.79 -3.73
CM4 YF3 F . -4.11 14.89 -5.25
S1 YF3 F . -2.04 15.51 -1.27
C2 YF3 F . -3.19 15.61 -2.62
PA FAD G . -5.93 -14.10 17.15
O1A FAD G . -6.24 -12.65 17.28
O2A FAD G . -5.42 -14.58 15.87
O5B FAD G . -7.11 -15.00 17.44
C5B FAD G . -7.85 -14.73 18.67
C4B FAD G . -8.96 -15.72 18.79
O4B FAD G . -9.59 -15.30 20.01
C3B FAD G . -10.16 -15.76 17.73
O3B FAD G . -10.73 -17.03 17.48
C2B FAD G . -11.05 -14.72 18.27
O2B FAD G . -12.25 -14.46 17.68
C1B FAD G . -10.96 -15.11 19.76
N9A FAD G . -11.46 -14.04 20.74
C8A FAD G . -11.20 -12.61 20.46
N7A FAD G . -11.67 -11.78 21.34
C5A FAD G . -12.28 -12.55 22.26
C6A FAD G . -13.07 -12.37 23.60
N6A FAD G . -13.29 -11.17 24.09
N1A FAD G . -13.58 -13.52 24.31
C2A FAD G . -13.36 -14.87 23.79
N3A FAD G . -12.67 -15.16 22.62
C4A FAD G . -12.14 -13.98 21.88
N1 FAD G . 2.22 -17.59 16.65
C2 FAD G . 2.52 -18.47 17.62
O2 FAD G . 1.75 -18.56 18.58
N3 FAD G . 3.72 -19.21 17.60
C4 FAD G . 4.70 -19.04 16.59
O4 FAD G . 5.71 -19.75 16.52
C4X FAD G . 4.42 -17.99 15.58
N5 FAD G . 5.36 -17.72 14.61
C5X FAD G . 5.10 -16.73 13.69
C6 FAD G . 6.16 -16.36 12.82
C7 FAD G . 6.04 -15.22 11.96
C7M FAD G . 7.24 -14.78 11.19
C8 FAD G . 4.77 -14.48 11.95
C8M FAD G . 4.58 -13.18 11.17
C9 FAD G . 3.68 -14.91 12.77
C9A FAD G . 3.82 -15.98 13.70
N10 FAD G . 2.82 -16.36 14.62
C10 FAD G . 3.12 -17.31 15.64
C1' FAD G . 1.57 -15.51 14.77
C2' FAD G . 0.47 -16.32 14.21
O2' FAD G . 0.37 -16.24 12.78
C3' FAD G . -0.95 -15.96 14.71
O3' FAD G . -1.11 -14.49 14.37
C4' FAD G . -1.17 -16.00 16.26
O4' FAD G . -0.70 -17.37 16.70
C5' FAD G . -2.60 -15.87 16.54
O5' FAD G . -2.73 -15.88 18.00
P FAD G . -4.12 -15.77 18.68
O1P FAD G . -4.89 -16.97 18.22
O2P FAD G . -3.87 -15.79 20.08
O3P FAD G . -4.85 -14.43 18.29
C5 P23 H . 10.78 -11.95 7.36
C6 P23 H . 11.26 -10.62 6.87
C7 P23 H . 12.55 -10.03 6.50
O7 P23 H . 13.64 -9.13 6.99
PA P23 H . 13.86 -8.42 8.13
O1A P23 H . 15.11 -7.69 8.07
O2A P23 H . 12.82 -7.51 8.34
O3A P23 H . 13.93 -9.45 9.34
PB P23 H . 14.82 -10.68 9.76
O1B P23 H . 14.06 -11.91 9.54
O2B P23 H . 15.13 -10.35 11.10
O3B P23 H . 16.00 -10.48 8.87
K K I . 3.98 22.64 -23.34
MG MG J . 4.63 20.23 -2.42
C5 P23 K . -1.18 17.03 -4.96
C6 P23 K . -0.46 17.57 -3.74
C7 P23 K . 0.78 17.22 -2.90
O7 P23 K . 2.11 17.53 -2.79
PA P23 K . 3.33 17.66 -3.46
O1A P23 K . 4.30 18.07 -2.52
O2A P23 K . 3.75 16.42 -4.01
O3A P23 K . 3.36 18.78 -4.61
PB P23 K . 2.63 20.12 -5.09
O1B P23 K . 1.20 20.02 -5.25
O2B P23 K . 3.46 20.36 -6.26
O3B P23 K . 3.05 20.95 -3.93
C4 1TB L . -15.64 14.67 -10.72
C5 1TB L . -14.98 13.49 -10.29
C6 1TB L . -14.34 13.45 -9.03
C1 1TB L . -14.35 14.60 -8.19
C2 1TB L . -15.03 15.83 -8.63
C3 1TB L . -15.66 15.82 -9.90
C11 1TB L . -13.63 14.48 -6.81
O12 1TB L . -12.22 14.52 -6.86
C13 1TB L . -11.48 13.48 -6.29
O11 1TB L . -14.26 14.37 -5.74
S7 1TB L . -15.10 17.35 -7.63
N8 1TB L . -13.93 17.59 -6.76
C9 1TB L . -12.58 17.74 -7.15
O7A 1TB L . -15.23 18.50 -8.55
O7B 1TB L . -16.26 17.27 -6.75
O9 1TB L . -12.26 17.68 -8.35
N10 1TB L . -11.61 17.95 -6.16
C2' 1TB L . -10.24 18.12 -6.35
N1' 1TB L . -9.35 18.33 -5.23
C6' 1TB L . -7.95 18.50 -5.45
N5' 1TB L . -7.48 18.44 -6.79
C4' 1TB L . -8.33 18.23 -7.91
N3' 1TB L . -9.74 18.07 -7.66
C10 1TB L . -12.01 18.02 -4.76
O4' 1TB L . -7.84 18.19 -9.23
C5' 1TB L . -6.67 18.29 -10.01
C7' 1TB L . -7.01 18.72 -4.27
N1' YF4 M . 6.24 -8.07 1.95
C2' YF4 M . 5.50 -7.65 3.14
CM2 YF4 M . 4.88 -6.31 3.22
N3' YF4 M . 5.39 -8.48 4.23
C4' YF4 M . 5.97 -9.79 4.20
N4' YF4 M . 5.75 -10.49 5.35
C5' YF4 M . 6.76 -10.39 3.01
C6' YF4 M . 6.86 -9.41 1.88
C7' YF4 M . 7.37 -11.78 3.01
CM4 YF4 M . 7.92 -13.65 6.67
C4 YF4 M . 7.60 -12.99 5.31
N3 YF4 M . 8.19 -12.17 4.15
C2 YF4 M . 9.55 -11.75 4.06
PA FAD N . -6.70 7.33 -20.94
O1A FAD N . -5.70 6.23 -20.84
O2A FAD N . -7.37 7.74 -19.73
O5B FAD N . -7.82 7.03 -21.89
C5B FAD N . -7.46 6.57 -23.22
C4B FAD N . -8.70 6.34 -23.99
O4B FAD N . -8.17 5.87 -25.24
C3B FAD N . -9.72 5.21 -23.54
O3B FAD N . -11.09 5.45 -23.82
C2B FAD N . -9.10 4.01 -24.16
O2B FAD N . -9.68 2.77 -24.06
C1B FAD N . -8.76 4.63 -25.54
N9A FAD N . -7.74 3.82 -26.35
C8A FAD N . -6.60 3.19 -25.68
N7A FAD N . -5.78 2.52 -26.43
C5A FAD N . -6.31 2.61 -27.67
C6A FAD N . -5.97 2.09 -29.10
N6A FAD N . -4.91 1.35 -29.31
N1A FAD N . -6.85 2.44 -30.22
C2A FAD N . -8.04 3.25 -30.03
N3A FAD N . -8.43 3.77 -28.78
C4A FAD N . -7.55 3.43 -27.63
N1 FAD N . -5.86 15.76 -17.87
C2 FAD N . -6.03 16.76 -18.77
O2 FAD N . -6.10 16.45 -19.95
N3 FAD N . -6.04 18.10 -18.37
C4 FAD N . -5.83 18.50 -17.03
O4 FAD N . -5.93 19.68 -16.67
C4X FAD N . -5.54 17.43 -16.06
N5 FAD N . -5.27 17.76 -14.76
C5X FAD N . -4.98 16.75 -13.87
C6 FAD N . -4.52 17.14 -12.58
C7 FAD N . -4.04 16.18 -11.66
C7M FAD N . -3.40 16.67 -10.37
C8 FAD N . -4.05 14.74 -12.03
C8M FAD N . -3.43 13.66 -11.16
C9 FAD N . -4.59 14.36 -13.29
C9A FAD N . -5.00 15.33 -14.26
N10 FAD N . -5.41 15.00 -15.58
C10 FAD N . -5.60 16.05 -16.54
C1' FAD N . -5.28 13.56 -16.07
C2' FAD N . -6.64 13.05 -16.19
O2' FAD N . -7.20 12.60 -14.95
C3' FAD N . -6.81 11.84 -17.15
O3' FAD N . -5.90 10.77 -16.57
C4' FAD N . -6.29 12.02 -18.61
O4' FAD N . -6.96 13.29 -19.12
C5' FAD N . -6.74 10.88 -19.42
O5' FAD N . -6.21 11.07 -20.77
P FAD N . -6.50 10.04 -21.90
O1P FAD N . -7.99 9.99 -22.08
O2P FAD N . -5.82 10.55 -23.05
O3P FAD N . -5.94 8.60 -21.56
#